data_5ZEN
#
_entry.id   5ZEN
#
_cell.length_a   95.760
_cell.length_b   95.760
_cell.length_c   231.055
_cell.angle_alpha   90.00
_cell.angle_beta   90.00
_cell.angle_gamma   120.00
#
_symmetry.space_group_name_H-M   'P 32 2 1'
#
loop_
_entity.id
_entity.type
_entity.pdbx_description
1 polymer 'DNA topoisomerase 2-beta'
2 polymer "DNA (5'-D(P*AP*GP*CP*CP*GP*AP*GP*C)-3')"
3 polymer "DNA (5'-D(P*AP*GP*CP*TP*CP*GP*GP*CP*T)-3')"
4 non-polymer 'MANGANESE (II) ION'
5 water water
#
loop_
_entity_poly.entity_id
_entity_poly.type
_entity_poly.pdbx_seq_one_letter_code
_entity_poly.pdbx_strand_id
1 'polypeptide(L)'
;MASWSHPQFEKGADDDDKVPDPTSVDSVKYSKIKGIPKLDDANDAGGKHSLECTLILTEGDSAKSLAVSGLGVIGRDRYG
VFPLRGKILNVREASHKQIMENAEINNIIKIVGLQYKKSYDDAESLKTLRYGKIMIMTDQDQDGSHIKGLLINFIHHNWP
SLLKHGFLEEFITPIVKASKNKQELSFYSIPEFDEWKKHIENQKAWKIKYYKGLGTSTAKEAKEYFADMERHRILFRYAG
PEDDAAITLAFSKKKIDDRKEWLTNFMEDRRQRRLHGLPEQFLYGTATKHLTYNDFINKELILFSNSDNERSIPSLVDGF
KPGQRKVLFTCFKRNDKREVKVAQLAGSVAEMSAYHHGEQALMMTIVNLAQNFVGSNNINLLQPIGQFGTRLHGGKDAAS
PRYIFTMLSTLARLLFPAVDDNLLKFLYDDNQRVEPEWYIPIIPMVLINGAEGIGTGWACKLPNYDAREIVNNVRRMLDG
LDPHPMLPNYKNFKGTIQELGQNQYAVSGEIFVVDRNTVEITELPVRTWTQVYKEQVLEPMLNGTDKTPALISDYKEYHT
DTTVKFVVKMTEEKLAQAEAAGLHKVFKLQTTLTCNSMVLFDHMGCLKKYETVQDILKEFFDLRLSYYGLRKEWLVGMLG
AESTKLNNQARFILEKIQGKITIENRSKKDLIQMLVQRGYESDPVKAWKEAQEKAAEEDETQNQHDDSSSDSGTPSGPDF
NYILNMSLWSLTKEKVEELIKQRDAKGREVNDLKRKSPSDLWKEDLAAFVEELDKVESQEREDGAPGFSSISAHHHHHHH
HHH
;
A
2 'polydeoxyribonucleotide' (DA)(DG)(DC)(DC)(DG)(DA)(DG)(DC) B
3 'polydeoxyribonucleotide' (DA)(DG)(DC)(DT)(DC)(DG)(DG)(DC)(DT) C
#
# COMPACT_ATOMS: atom_id res chain seq x y z
N LYS A 34 -1.45 -4.54 41.63
CA LYS A 34 -1.44 -5.78 40.87
C LYS A 34 -0.13 -5.94 40.08
N GLY A 35 0.51 -4.81 39.73
CA GLY A 35 1.79 -4.81 39.06
C GLY A 35 1.79 -4.40 37.60
N ILE A 36 0.62 -4.22 36.97
CA ILE A 36 0.54 -3.74 35.60
C ILE A 36 0.26 -2.25 35.65
N PRO A 37 1.22 -1.38 35.27
CA PRO A 37 1.02 0.05 35.44
C PRO A 37 0.00 0.64 34.48
N LYS A 38 -0.14 0.07 33.27
CA LYS A 38 -1.07 0.59 32.27
C LYS A 38 -2.53 0.26 32.59
N LEU A 39 -2.80 -0.54 33.62
CA LEU A 39 -4.16 -0.97 33.93
C LEU A 39 -4.80 -0.08 34.98
N ASP A 40 -6.06 0.27 34.76
CA ASP A 40 -6.91 0.87 35.80
C ASP A 40 -7.92 -0.18 36.23
N ASP A 41 -7.75 -0.70 37.44
CA ASP A 41 -8.51 -1.85 37.91
C ASP A 41 -9.83 -1.41 38.51
N ALA A 42 -10.88 -2.20 38.28
CA ALA A 42 -12.16 -1.94 38.92
C ALA A 42 -12.04 -2.10 40.42
N ASN A 43 -12.65 -1.16 41.15
CA ASN A 43 -12.60 -1.21 42.61
C ASN A 43 -13.10 -2.55 43.15
N ASP A 44 -14.16 -3.09 42.54
CA ASP A 44 -14.76 -4.34 43.00
C ASP A 44 -14.13 -5.57 42.36
N ALA A 45 -13.16 -5.42 41.47
CA ALA A 45 -12.47 -6.57 40.91
C ALA A 45 -11.71 -7.31 42.02
N GLY A 46 -11.86 -8.64 42.05
CA GLY A 46 -11.26 -9.45 43.08
C GLY A 46 -12.12 -9.65 44.31
N GLY A 47 -13.18 -8.87 44.48
CA GLY A 47 -14.02 -8.96 45.65
C GLY A 47 -15.21 -9.89 45.46
N LYS A 48 -16.14 -9.81 46.41
CA LYS A 48 -17.30 -10.70 46.36
C LYS A 48 -18.24 -10.36 45.20
N HIS A 49 -18.07 -9.19 44.58
CA HIS A 49 -18.85 -8.76 43.41
C HIS A 49 -18.13 -9.01 42.08
N SER A 50 -16.98 -9.70 42.10
CA SER A 50 -16.15 -9.84 40.90
C SER A 50 -16.94 -10.26 39.67
N LEU A 51 -17.88 -11.18 39.84
CA LEU A 51 -18.62 -11.70 38.68
C LEU A 51 -19.46 -10.63 38.00
N GLU A 52 -19.80 -9.55 38.71
CA GLU A 52 -20.55 -8.48 38.07
C GLU A 52 -19.65 -7.42 37.44
N CYS A 53 -18.33 -7.54 37.63
CA CYS A 53 -17.39 -6.60 37.05
C CYS A 53 -17.11 -6.91 35.59
N THR A 54 -16.74 -5.87 34.84
CA THR A 54 -16.47 -5.97 33.42
C THR A 54 -15.11 -5.36 33.14
N LEU A 55 -14.26 -6.09 32.43
CA LEU A 55 -12.98 -5.59 31.97
C LEU A 55 -13.15 -5.06 30.55
N ILE A 56 -12.81 -3.80 30.35
CA ILE A 56 -12.89 -3.16 29.06
C ILE A 56 -11.51 -3.23 28.42
N LEU A 57 -11.37 -4.04 27.37
CA LEU A 57 -10.15 -4.07 26.59
C LEU A 57 -10.27 -3.05 25.46
N THR A 58 -9.32 -2.13 25.39
CA THR A 58 -9.38 -1.03 24.44
C THR A 58 -8.28 -1.15 23.40
N GLU A 59 -8.51 -0.54 22.24
CA GLU A 59 -7.51 -0.51 21.18
C GLU A 59 -6.74 0.80 21.29
N GLY A 60 -5.51 0.71 21.77
CA GLY A 60 -4.72 1.90 22.05
C GLY A 60 -5.09 2.57 23.36
N ASP A 61 -4.15 3.39 23.86
CA ASP A 61 -4.31 4.06 25.14
C ASP A 61 -5.16 5.32 25.07
N SER A 62 -5.29 5.94 23.90
CA SER A 62 -6.25 7.05 23.77
C SER A 62 -7.67 6.54 23.96
N ALA A 63 -7.97 5.37 23.42
CA ALA A 63 -9.24 4.71 23.72
C ALA A 63 -9.35 4.44 25.21
N LYS A 64 -8.23 4.07 25.84
CA LYS A 64 -8.22 3.83 27.28
C LYS A 64 -8.67 5.07 28.03
N SER A 65 -8.04 6.22 27.76
CA SER A 65 -8.43 7.47 28.39
C SER A 65 -9.88 7.84 28.07
N LEU A 66 -10.30 7.61 26.83
CA LEU A 66 -11.67 7.88 26.44
C LEU A 66 -12.65 7.09 27.30
N ALA A 67 -12.39 5.81 27.52
CA ALA A 67 -13.26 5.01 28.36
C ALA A 67 -13.16 5.42 29.83
N VAL A 68 -11.96 5.75 30.30
CA VAL A 68 -11.77 6.16 31.69
C VAL A 68 -12.63 7.39 32.00
N SER A 69 -12.45 8.46 31.23
CA SER A 69 -13.29 9.63 31.45
C SER A 69 -14.75 9.32 31.15
N GLY A 70 -15.01 8.34 30.28
CA GLY A 70 -16.39 7.99 29.98
C GLY A 70 -17.13 7.43 31.18
N LEU A 71 -16.48 6.54 31.94
CA LEU A 71 -17.06 6.00 33.17
C LEU A 71 -17.01 6.95 34.34
N GLY A 72 -15.99 7.80 34.43
CA GLY A 72 -15.93 8.75 35.53
C GLY A 72 -15.80 8.10 36.90
N VAL A 73 -16.31 8.81 37.91
CA VAL A 73 -16.19 8.37 39.30
C VAL A 73 -17.05 7.15 39.56
N ILE A 74 -18.33 7.20 39.19
CA ILE A 74 -19.24 6.10 39.49
C ILE A 74 -18.86 4.86 38.68
N GLY A 75 -18.50 5.03 37.40
CA GLY A 75 -18.17 3.90 36.57
C GLY A 75 -16.96 3.11 37.04
N ARG A 76 -16.09 3.73 37.85
CA ARG A 76 -14.84 3.09 38.24
C ARG A 76 -15.01 1.91 39.18
N ASP A 77 -16.19 1.73 39.77
CA ASP A 77 -16.33 0.67 40.77
C ASP A 77 -16.33 -0.72 40.14
N ARG A 78 -17.22 -0.97 39.19
CA ARG A 78 -17.39 -2.28 38.57
C ARG A 78 -16.73 -2.43 37.20
N TYR A 79 -16.10 -1.39 36.66
CA TYR A 79 -15.52 -1.43 35.33
C TYR A 79 -14.03 -1.21 35.40
N GLY A 80 -13.24 -2.19 34.96
CA GLY A 80 -11.84 -1.96 34.70
C GLY A 80 -11.60 -1.58 33.25
N VAL A 81 -10.46 -0.95 32.99
CA VAL A 81 -10.08 -0.62 31.62
C VAL A 81 -8.60 -0.97 31.42
N PHE A 82 -8.30 -1.74 30.37
CA PHE A 82 -6.92 -2.07 30.05
C PHE A 82 -6.65 -1.88 28.56
N PRO A 83 -5.53 -1.27 28.20
CA PRO A 83 -5.18 -1.09 26.79
C PRO A 83 -4.50 -2.29 26.15
N LEU A 84 -4.72 -2.44 24.85
CA LEU A 84 -3.96 -3.34 23.99
C LEU A 84 -3.11 -2.50 23.06
N ARG A 85 -1.89 -2.96 22.79
CA ARG A 85 -1.02 -2.20 21.90
C ARG A 85 -1.57 -2.17 20.49
N GLY A 86 -2.26 -3.22 20.07
CA GLY A 86 -2.56 -3.42 18.66
C GLY A 86 -3.13 -4.80 18.42
N LYS A 87 -2.92 -5.30 17.21
CA LYS A 87 -3.25 -6.69 16.92
C LYS A 87 -2.58 -7.58 17.97
N ILE A 88 -3.31 -8.58 18.46
CA ILE A 88 -2.76 -9.43 19.51
C ILE A 88 -2.27 -10.73 18.90
N LEU A 89 -1.72 -11.60 19.73
CA LEU A 89 -1.30 -12.91 19.28
C LEU A 89 -2.50 -13.79 18.89
N ASN A 90 -2.38 -14.50 17.78
CA ASN A 90 -3.37 -15.50 17.39
C ASN A 90 -2.88 -16.80 18.01
N VAL A 91 -3.58 -17.25 19.04
CA VAL A 91 -3.07 -18.33 19.88
C VAL A 91 -3.50 -19.70 19.42
N ARG A 92 -4.40 -19.80 18.44
CA ARG A 92 -4.90 -21.11 18.02
C ARG A 92 -3.78 -21.94 17.43
N GLU A 93 -3.07 -21.41 16.45
CA GLU A 93 -1.81 -22.00 16.02
C GLU A 93 -0.72 -20.99 16.36
N ALA A 94 0.03 -21.30 17.41
CA ALA A 94 1.21 -20.59 17.85
C ALA A 94 1.96 -21.54 18.75
N SER A 95 3.26 -21.30 18.89
CA SER A 95 4.05 -22.19 19.71
C SER A 95 3.77 -21.96 21.18
N HIS A 96 4.03 -23.00 21.97
CA HIS A 96 3.87 -22.91 23.41
C HIS A 96 4.75 -21.80 23.99
N LYS A 97 6.02 -21.74 23.57
CA LYS A 97 6.91 -20.69 24.07
C LYS A 97 6.41 -19.30 23.68
N GLN A 98 5.92 -19.15 22.44
CA GLN A 98 5.45 -17.85 21.99
C GLN A 98 4.26 -17.38 22.82
N ILE A 99 3.41 -18.31 23.23
CA ILE A 99 2.26 -17.97 24.08
C ILE A 99 2.71 -17.65 25.49
N MET A 100 3.52 -18.53 26.09
CA MET A 100 3.91 -18.33 27.49
C MET A 100 4.72 -17.06 27.68
N GLU A 101 5.41 -16.59 26.64
CA GLU A 101 6.24 -15.41 26.72
C GLU A 101 5.52 -14.15 26.27
N ASN A 102 4.24 -14.24 25.91
CA ASN A 102 3.52 -13.08 25.40
C ASN A 102 3.03 -12.23 26.57
N ALA A 103 3.50 -10.97 26.61
CA ALA A 103 3.23 -10.11 27.75
C ALA A 103 1.74 -9.81 27.87
N GLU A 104 1.10 -9.44 26.75
CA GLU A 104 -0.30 -9.03 26.76
C GLU A 104 -1.21 -10.17 27.21
N ILE A 105 -1.06 -11.35 26.60
CA ILE A 105 -1.91 -12.48 26.94
C ILE A 105 -1.86 -12.77 28.44
N ASN A 106 -0.65 -12.84 29.00
CA ASN A 106 -0.56 -13.13 30.42
C ASN A 106 -1.03 -11.95 31.28
N ASN A 107 -0.96 -10.73 30.75
CA ASN A 107 -1.55 -9.59 31.46
C ASN A 107 -3.06 -9.73 31.57
N ILE A 108 -3.73 -10.06 30.46
CA ILE A 108 -5.19 -10.26 30.48
C ILE A 108 -5.55 -11.43 31.39
N ILE A 109 -4.71 -12.47 31.39
CA ILE A 109 -4.97 -13.63 32.25
C ILE A 109 -4.89 -13.24 33.72
N LYS A 110 -3.82 -12.53 34.11
CA LYS A 110 -3.69 -12.11 35.50
C LYS A 110 -4.78 -11.12 35.90
N ILE A 111 -5.14 -10.21 34.98
CA ILE A 111 -6.18 -9.23 35.28
C ILE A 111 -7.52 -9.91 35.51
N VAL A 112 -7.96 -10.73 34.54
CA VAL A 112 -9.24 -11.42 34.70
C VAL A 112 -9.14 -12.52 35.76
N GLY A 113 -7.95 -13.11 35.94
CA GLY A 113 -7.83 -14.23 36.85
C GLY A 113 -8.08 -15.57 36.19
N LEU A 114 -7.85 -15.67 34.88
CA LEU A 114 -8.01 -16.93 34.17
C LEU A 114 -6.88 -17.88 34.52
N GLN A 115 -7.12 -19.16 34.27
CA GLN A 115 -6.14 -20.21 34.39
C GLN A 115 -6.28 -21.12 33.17
N TYR A 116 -5.16 -21.39 32.51
CA TYR A 116 -5.16 -22.24 31.32
C TYR A 116 -5.75 -23.60 31.66
N LYS A 117 -6.48 -24.17 30.70
CA LYS A 117 -7.09 -25.50 30.77
C LYS A 117 -8.23 -25.57 31.78
N LYS A 118 -8.51 -24.48 32.50
CA LYS A 118 -9.61 -24.46 33.46
C LYS A 118 -10.94 -24.27 32.75
N SER A 119 -11.91 -25.11 33.09
CA SER A 119 -13.27 -24.98 32.59
C SER A 119 -14.12 -24.26 33.62
N TYR A 120 -14.98 -23.35 33.16
CA TYR A 120 -15.80 -22.56 34.07
C TYR A 120 -17.28 -22.91 33.91
N ASP A 121 -17.81 -23.68 34.86
CA ASP A 121 -19.23 -24.00 34.99
C ASP A 121 -19.64 -23.85 36.44
N ASP A 122 -19.06 -24.69 37.30
CA ASP A 122 -19.39 -24.74 38.72
C ASP A 122 -19.17 -23.38 39.38
N ALA A 123 -19.96 -23.11 40.42
CA ALA A 123 -19.77 -21.90 41.23
C ALA A 123 -18.38 -21.86 41.85
N GLU A 124 -17.88 -23.02 42.32
CA GLU A 124 -16.53 -23.10 42.85
C GLU A 124 -15.49 -22.61 41.84
N SER A 125 -15.69 -22.91 40.56
CA SER A 125 -14.71 -22.52 39.55
C SER A 125 -14.73 -21.01 39.32
N LEU A 126 -15.93 -20.41 39.26
CA LEU A 126 -16.03 -18.97 39.04
C LEU A 126 -15.70 -18.15 40.27
N LYS A 127 -15.59 -18.79 41.44
CA LYS A 127 -15.10 -18.06 42.60
C LYS A 127 -13.69 -17.48 42.36
N THR A 128 -12.95 -18.02 41.39
CA THR A 128 -11.54 -17.66 41.16
C THR A 128 -11.36 -16.53 40.14
N LEU A 129 -12.42 -16.05 39.49
CA LEU A 129 -12.29 -14.98 38.51
C LEU A 129 -12.43 -13.60 39.13
N ARG A 130 -11.58 -12.68 38.70
CA ARG A 130 -11.65 -11.29 39.15
C ARG A 130 -12.71 -10.49 38.39
N TYR A 131 -13.03 -10.90 37.17
CA TYR A 131 -14.03 -10.23 36.34
C TYR A 131 -14.98 -11.28 35.77
N GLY A 132 -16.21 -10.85 35.52
CA GLY A 132 -17.19 -11.77 34.96
C GLY A 132 -17.40 -11.61 33.46
N LYS A 133 -16.89 -10.52 32.91
CA LYS A 133 -17.10 -10.20 31.50
C LYS A 133 -15.92 -9.41 30.97
N ILE A 134 -15.67 -9.55 29.67
CA ILE A 134 -14.72 -8.72 28.95
C ILE A 134 -15.52 -7.94 27.92
N MET A 135 -15.38 -6.61 27.95
CA MET A 135 -16.03 -5.74 26.97
C MET A 135 -14.92 -5.14 26.13
N ILE A 136 -14.86 -5.53 24.88
CA ILE A 136 -13.82 -5.03 23.98
C ILE A 136 -14.30 -3.75 23.34
N MET A 137 -13.47 -2.70 23.42
CA MET A 137 -13.79 -1.41 22.85
C MET A 137 -12.71 -1.07 21.83
N THR A 138 -13.07 -1.07 20.55
CA THR A 138 -12.11 -0.80 19.49
C THR A 138 -12.64 0.32 18.62
N ASP A 139 -11.88 0.66 17.58
CA ASP A 139 -12.40 1.52 16.53
C ASP A 139 -13.50 0.81 15.77
N GLN A 140 -14.32 1.59 15.09
CA GLN A 140 -15.39 1.07 14.25
C GLN A 140 -14.93 0.79 12.83
N ASP A 141 -13.64 0.91 12.56
CA ASP A 141 -13.07 0.52 11.28
C ASP A 141 -12.78 -0.98 11.27
N GLN A 142 -12.18 -1.45 10.16
CA GLN A 142 -12.00 -2.88 9.94
C GLN A 142 -10.94 -3.47 10.85
N ASP A 143 -9.88 -2.72 11.14
CA ASP A 143 -8.82 -3.26 12.00
C ASP A 143 -9.32 -3.46 13.43
N GLY A 144 -10.22 -2.59 13.89
CA GLY A 144 -10.90 -2.84 15.14
C GLY A 144 -11.58 -4.20 15.12
N SER A 145 -12.35 -4.46 14.06
CA SER A 145 -12.99 -5.75 13.91
C SER A 145 -11.97 -6.88 13.97
N HIS A 146 -10.77 -6.63 13.42
CA HIS A 146 -9.75 -7.67 13.48
C HIS A 146 -9.38 -7.97 14.93
N ILE A 147 -9.13 -6.94 15.74
CA ILE A 147 -8.81 -7.14 17.17
C ILE A 147 -9.96 -7.84 17.90
N LYS A 148 -11.20 -7.40 17.64
CA LYS A 148 -12.36 -8.12 18.16
C LYS A 148 -12.27 -9.59 17.84
N GLY A 149 -11.97 -9.91 16.58
CA GLY A 149 -11.90 -11.30 16.16
C GLY A 149 -10.79 -12.07 16.86
N LEU A 150 -9.63 -11.43 17.05
CA LEU A 150 -8.53 -12.15 17.69
C LEU A 150 -8.78 -12.37 19.17
N LEU A 151 -9.50 -11.47 19.84
CA LEU A 151 -9.88 -11.72 21.23
C LEU A 151 -10.89 -12.86 21.32
N ILE A 152 -11.92 -12.81 20.45
CA ILE A 152 -12.88 -13.90 20.33
C ILE A 152 -12.16 -15.23 20.11
N ASN A 153 -11.19 -15.24 19.19
CA ASN A 153 -10.44 -16.46 18.88
C ASN A 153 -9.65 -16.94 20.09
N PHE A 154 -9.05 -15.99 20.83
CA PHE A 154 -8.30 -16.33 22.04
C PHE A 154 -9.20 -17.02 23.07
N ILE A 155 -10.33 -16.40 23.41
CA ILE A 155 -11.25 -16.98 24.40
C ILE A 155 -11.82 -18.30 23.90
N HIS A 156 -12.21 -18.35 22.62
CA HIS A 156 -12.80 -19.57 22.06
C HIS A 156 -11.80 -20.72 22.08
N HIS A 157 -10.52 -20.42 21.86
CA HIS A 157 -9.52 -21.46 21.86
C HIS A 157 -9.26 -21.95 23.29
N ASN A 158 -9.03 -21.03 24.22
CA ASN A 158 -8.64 -21.45 25.57
C ASN A 158 -9.81 -21.84 26.46
N TRP A 159 -10.92 -21.09 26.45
CA TRP A 159 -12.04 -21.34 27.37
C TRP A 159 -13.37 -21.25 26.64
N PRO A 160 -13.76 -22.32 25.93
CA PRO A 160 -15.13 -22.36 25.41
C PRO A 160 -16.19 -22.27 26.51
N SER A 161 -15.85 -22.67 27.74
CA SER A 161 -16.81 -22.58 28.84
C SER A 161 -17.26 -21.14 29.07
N LEU A 162 -16.37 -20.18 28.85
CA LEU A 162 -16.74 -18.77 28.95
C LEU A 162 -17.47 -18.29 27.69
N LEU A 163 -17.00 -18.71 26.51
CA LEU A 163 -17.52 -18.18 25.26
C LEU A 163 -18.98 -18.59 25.03
N LYS A 164 -19.36 -19.80 25.45
CA LYS A 164 -20.73 -20.25 25.20
C LYS A 164 -21.73 -19.46 26.04
N HIS A 165 -21.31 -18.99 27.20
CA HIS A 165 -22.18 -18.38 28.21
C HIS A 165 -22.21 -16.85 28.18
N GLY A 166 -21.63 -16.22 27.18
CA GLY A 166 -21.71 -14.77 27.08
C GLY A 166 -20.72 -14.01 27.93
N PHE A 167 -19.51 -14.53 28.07
CA PHE A 167 -18.43 -13.85 28.75
C PHE A 167 -17.94 -12.63 27.97
N LEU A 168 -18.29 -12.51 26.69
CA LEU A 168 -17.72 -11.51 25.81
C LEU A 168 -18.78 -10.54 25.31
N GLU A 169 -18.48 -9.25 25.41
CA GLU A 169 -19.31 -8.20 24.85
C GLU A 169 -18.40 -7.21 24.15
N GLU A 170 -18.98 -6.37 23.31
CA GLU A 170 -18.28 -5.28 22.67
C GLU A 170 -19.01 -3.96 22.94
N PHE A 171 -18.25 -2.86 22.91
CA PHE A 171 -18.82 -1.53 23.03
C PHE A 171 -18.60 -0.79 21.71
N ILE A 172 -19.67 -0.62 20.95
CA ILE A 172 -19.57 0.03 19.65
C ILE A 172 -19.59 1.55 19.81
N THR A 173 -18.99 2.27 18.86
CA THR A 173 -18.95 3.71 18.82
C THR A 173 -19.47 4.15 17.45
N PRO A 174 -19.87 5.41 17.29
CA PRO A 174 -20.26 5.84 15.95
C PRO A 174 -19.05 6.13 15.07
N ILE A 175 -19.17 5.79 13.78
CA ILE A 175 -18.18 6.22 12.78
C ILE A 175 -18.53 7.55 12.14
N VAL A 176 -19.78 8.01 12.24
CA VAL A 176 -20.19 9.27 11.63
C VAL A 176 -21.44 9.78 12.33
N LYS A 177 -21.69 11.08 12.21
CA LYS A 177 -22.87 11.69 12.81
C LYS A 177 -23.36 12.82 11.92
N ALA A 178 -24.63 13.17 12.08
CA ALA A 178 -25.24 14.22 11.27
C ALA A 178 -26.38 14.89 12.01
N LEU A 185 -27.87 12.86 14.99
CA LEU A 185 -27.99 11.41 15.17
C LEU A 185 -26.72 10.69 14.73
N SER A 186 -26.58 9.42 15.12
CA SER A 186 -25.35 8.66 14.96
C SER A 186 -25.55 7.49 13.99
N PHE A 187 -24.46 7.15 13.30
CA PHE A 187 -24.41 6.00 12.40
C PHE A 187 -23.18 5.17 12.70
N TYR A 188 -23.35 3.87 12.83
CA TYR A 188 -22.29 2.97 13.27
C TYR A 188 -21.56 2.26 12.13
N SER A 189 -21.92 2.52 10.87
CA SER A 189 -21.11 2.07 9.75
C SER A 189 -21.36 2.98 8.56
N ILE A 190 -20.36 3.08 7.68
CA ILE A 190 -20.49 3.97 6.52
C ILE A 190 -21.61 3.55 5.57
N PRO A 191 -21.86 2.25 5.31
CA PRO A 191 -23.01 1.92 4.43
C PRO A 191 -24.35 2.35 5.00
N GLU A 192 -24.56 2.24 6.31
CA GLU A 192 -25.82 2.68 6.91
C GLU A 192 -26.03 4.18 6.68
N PHE A 193 -24.97 4.96 6.89
CA PHE A 193 -25.06 6.41 6.69
C PHE A 193 -25.30 6.75 5.23
N ASP A 194 -24.61 6.06 4.31
CA ASP A 194 -24.82 6.33 2.89
C ASP A 194 -26.25 5.99 2.47
N GLU A 195 -26.80 4.87 2.95
CA GLU A 195 -28.16 4.50 2.61
C GLU A 195 -29.16 5.49 3.19
N TRP A 196 -28.95 5.92 4.44
CA TRP A 196 -29.80 6.95 5.04
C TRP A 196 -29.83 8.21 4.17
N LYS A 197 -28.66 8.63 3.69
CA LYS A 197 -28.57 9.79 2.79
C LYS A 197 -29.24 9.50 1.46
N LYS A 207 -24.87 19.37 9.72
CA LYS A 207 -23.44 19.22 9.95
C LYS A 207 -23.05 17.75 10.06
N ILE A 208 -22.05 17.33 9.28
CA ILE A 208 -21.60 15.95 9.23
C ILE A 208 -20.19 15.87 9.78
N LYS A 209 -19.96 14.93 10.71
CA LYS A 209 -18.66 14.73 11.32
C LYS A 209 -18.24 13.28 11.15
N TYR A 210 -17.00 13.06 10.71
CA TYR A 210 -16.44 11.73 10.52
C TYR A 210 -15.51 11.40 11.68
N TYR A 211 -15.67 10.21 12.25
CA TYR A 211 -14.91 9.80 13.44
C TYR A 211 -13.87 8.78 13.00
N LYS A 212 -12.60 9.18 13.05
CA LYS A 212 -11.46 8.32 12.75
C LYS A 212 -10.91 7.82 14.08
N GLY A 213 -11.07 6.53 14.35
CA GLY A 213 -10.64 5.97 15.61
C GLY A 213 -11.47 6.44 16.79
N LEU A 214 -11.16 5.88 17.96
CA LEU A 214 -11.83 6.27 19.19
C LEU A 214 -11.29 7.57 19.75
N GLY A 215 -10.02 7.90 19.46
CA GLY A 215 -9.43 9.10 20.01
C GLY A 215 -10.01 10.40 19.48
N THR A 216 -10.75 10.35 18.37
CA THR A 216 -11.35 11.56 17.81
C THR A 216 -12.49 12.06 18.70
N SER A 217 -13.36 11.15 19.14
CA SER A 217 -14.31 11.49 20.17
C SER A 217 -13.57 11.87 21.45
N THR A 218 -14.13 12.82 22.19
CA THR A 218 -13.47 13.26 23.41
C THR A 218 -14.49 13.91 24.33
N ALA A 219 -14.15 13.96 25.61
CA ALA A 219 -14.82 14.77 26.62
C ALA A 219 -16.31 14.41 26.65
N LYS A 220 -17.24 15.37 26.55
CA LYS A 220 -18.66 15.09 26.73
C LYS A 220 -19.10 13.90 25.89
N GLU A 221 -18.61 13.83 24.64
CA GLU A 221 -18.92 12.71 23.77
C GLU A 221 -18.79 11.38 24.51
N ALA A 222 -17.59 11.09 24.99
CA ALA A 222 -17.36 9.85 25.74
C ALA A 222 -18.42 9.66 26.82
N LYS A 223 -18.61 10.68 27.67
CA LYS A 223 -19.59 10.55 28.75
C LYS A 223 -20.98 10.25 28.21
N GLU A 224 -21.38 10.94 27.14
CA GLU A 224 -22.64 10.63 26.47
C GLU A 224 -22.74 9.14 26.16
N TYR A 225 -21.71 8.58 25.52
CA TYR A 225 -21.74 7.16 25.16
C TYR A 225 -21.99 6.29 26.38
N PHE A 226 -21.42 6.65 27.53
CA PHE A 226 -21.54 5.79 28.68
C PHE A 226 -22.76 6.11 29.54
N ALA A 227 -23.50 7.17 29.21
CA ALA A 227 -24.79 7.38 29.85
C ALA A 227 -25.85 6.45 29.27
N ASP A 228 -25.89 6.33 27.93
CA ASP A 228 -26.76 5.35 27.28
C ASP A 228 -25.87 4.19 26.85
N MET A 229 -25.93 3.10 27.60
CA MET A 229 -25.23 1.88 27.26
C MET A 229 -26.13 0.83 26.62
N GLU A 230 -27.43 1.09 26.50
CA GLU A 230 -28.28 0.13 25.81
C GLU A 230 -27.95 0.10 24.32
N ARG A 231 -27.65 1.27 23.74
CA ARG A 231 -27.36 1.35 22.31
C ARG A 231 -25.94 0.92 22.00
N HIS A 232 -24.99 1.25 22.88
CA HIS A 232 -23.58 1.05 22.58
C HIS A 232 -23.03 -0.31 23.01
N ARG A 233 -23.77 -1.09 23.79
CA ARG A 233 -23.29 -2.38 24.27
C ARG A 233 -23.98 -3.51 23.50
N ILE A 234 -23.18 -4.43 23.00
CA ILE A 234 -23.68 -5.55 22.21
C ILE A 234 -23.02 -6.81 22.71
N LEU A 235 -23.82 -7.85 22.94
CA LEU A 235 -23.34 -9.08 23.53
C LEU A 235 -23.16 -10.12 22.43
N PHE A 236 -22.00 -10.79 22.45
CA PHE A 236 -21.78 -11.90 21.53
C PHE A 236 -22.48 -13.12 22.08
N ARG A 237 -23.22 -13.82 21.22
CA ARG A 237 -23.96 -15.00 21.61
C ARG A 237 -23.46 -16.19 20.81
N TYR A 238 -23.46 -17.36 21.45
CA TYR A 238 -23.06 -18.61 20.82
C TYR A 238 -24.33 -19.36 20.43
N ALA A 239 -24.59 -19.44 19.13
CA ALA A 239 -25.75 -20.15 18.61
C ALA A 239 -25.51 -21.66 18.51
N GLY A 240 -24.33 -22.06 18.08
CA GLY A 240 -24.10 -23.45 17.82
C GLY A 240 -22.94 -23.72 16.89
N PRO A 241 -23.01 -24.86 16.22
CA PRO A 241 -21.89 -25.28 15.37
C PRO A 241 -21.41 -24.21 14.41
N GLU A 242 -22.33 -23.43 13.82
CA GLU A 242 -21.94 -22.37 12.87
C GLU A 242 -20.89 -21.44 13.46
N ASP A 243 -21.00 -21.12 14.75
CA ASP A 243 -20.06 -20.18 15.38
C ASP A 243 -18.64 -20.74 15.38
N ASP A 244 -18.45 -21.94 15.93
CA ASP A 244 -17.14 -22.59 15.91
C ASP A 244 -16.59 -22.66 14.50
N ALA A 245 -17.44 -23.10 13.56
CA ALA A 245 -17.01 -23.21 12.17
C ALA A 245 -16.51 -21.89 11.64
N ALA A 246 -17.20 -20.80 11.99
CA ALA A 246 -16.82 -19.46 11.50
C ALA A 246 -15.51 -18.99 12.12
N ILE A 247 -15.36 -19.18 13.43
CA ILE A 247 -14.15 -18.72 14.11
C ILE A 247 -12.92 -19.45 13.56
N THR A 248 -12.98 -20.79 13.53
CA THR A 248 -11.85 -21.54 13.02
C THR A 248 -11.59 -21.19 11.55
N LEU A 249 -12.66 -20.98 10.77
CA LEU A 249 -12.47 -20.57 9.38
C LEU A 249 -11.63 -19.30 9.30
N ALA A 250 -11.94 -18.32 10.15
CA ALA A 250 -11.17 -17.08 10.10
C ALA A 250 -9.73 -17.28 10.57
N PHE A 251 -9.53 -17.87 11.75
CA PHE A 251 -8.25 -17.81 12.44
C PHE A 251 -7.33 -19.03 12.32
N SER A 252 -7.69 -20.07 11.58
CA SER A 252 -6.86 -21.28 11.49
C SER A 252 -6.14 -21.36 10.15
N LYS A 253 -4.84 -21.70 10.17
CA LYS A 253 -4.05 -21.84 8.94
C LYS A 253 -4.31 -23.13 8.19
N LYS A 254 -5.06 -24.06 8.77
CA LYS A 254 -5.59 -25.17 8.00
C LYS A 254 -6.70 -24.72 7.06
N LYS A 255 -7.31 -23.56 7.32
CA LYS A 255 -8.47 -23.06 6.60
C LYS A 255 -8.13 -22.06 5.49
N ILE A 256 -6.85 -21.84 5.17
CA ILE A 256 -6.45 -20.81 4.23
C ILE A 256 -7.27 -20.90 2.94
N ASP A 257 -7.23 -22.06 2.29
CA ASP A 257 -7.97 -22.21 1.03
C ASP A 257 -9.46 -22.00 1.25
N ASP A 258 -10.00 -22.49 2.37
CA ASP A 258 -11.37 -22.17 2.73
C ASP A 258 -11.60 -20.66 2.74
N ARG A 259 -10.72 -19.93 3.45
CA ARG A 259 -10.78 -18.47 3.44
C ARG A 259 -10.80 -17.95 2.00
N LYS A 260 -9.98 -18.53 1.14
CA LYS A 260 -10.00 -18.11 -0.26
C LYS A 260 -11.41 -18.21 -0.82
N GLU A 261 -11.98 -19.42 -0.77
CA GLU A 261 -13.35 -19.59 -1.27
C GLU A 261 -14.26 -18.57 -0.61
N TRP A 262 -14.14 -18.44 0.71
CA TRP A 262 -14.91 -17.51 1.50
C TRP A 262 -14.84 -16.15 0.84
N LEU A 263 -13.63 -15.59 0.80
CA LEU A 263 -13.49 -14.23 0.30
C LEU A 263 -13.93 -14.15 -1.15
N THR A 264 -13.67 -15.19 -1.94
CA THR A 264 -14.05 -15.16 -3.35
C THR A 264 -15.55 -14.92 -3.47
N ASN A 265 -16.33 -15.73 -2.77
CA ASN A 265 -17.77 -15.56 -2.80
C ASN A 265 -18.11 -14.13 -2.47
N PHE A 266 -17.58 -13.63 -1.35
CA PHE A 266 -17.89 -12.29 -0.92
C PHE A 266 -17.64 -11.31 -2.06
N MET A 267 -16.44 -11.34 -2.62
CA MET A 267 -16.08 -10.39 -3.66
C MET A 267 -17.08 -10.48 -4.80
N GLU A 268 -17.26 -11.69 -5.34
CA GLU A 268 -18.20 -11.87 -6.43
C GLU A 268 -19.56 -11.33 -6.03
N ASP A 269 -20.05 -11.77 -4.87
CA ASP A 269 -21.37 -11.34 -4.42
C ASP A 269 -21.45 -9.83 -4.46
N ARG A 270 -20.50 -9.16 -3.82
CA ARG A 270 -20.62 -7.72 -3.68
C ARG A 270 -20.60 -7.08 -5.06
N ARG A 271 -19.69 -7.53 -5.93
CA ARG A 271 -19.65 -6.98 -7.27
C ARG A 271 -20.99 -7.21 -7.96
N GLN A 272 -21.49 -8.44 -7.89
CA GLN A 272 -22.81 -8.72 -8.44
C GLN A 272 -23.84 -7.80 -7.81
N ARG A 273 -23.82 -7.69 -6.48
CA ARG A 273 -24.71 -6.76 -5.80
C ARG A 273 -24.52 -5.34 -6.35
N ARG A 274 -23.26 -4.89 -6.36
CA ARG A 274 -22.95 -3.57 -6.89
C ARG A 274 -23.45 -3.40 -8.31
N LEU A 275 -23.48 -4.49 -9.09
CA LEU A 275 -23.94 -4.39 -10.46
C LEU A 275 -25.46 -4.20 -10.52
N HIS A 276 -26.21 -4.89 -9.66
CA HIS A 276 -27.66 -4.86 -9.73
C HIS A 276 -28.26 -3.69 -8.96
N GLY A 277 -27.43 -2.85 -8.33
CA GLY A 277 -27.90 -1.72 -7.56
C GLY A 277 -28.39 -2.05 -6.17
N LEU A 278 -28.28 -3.30 -5.72
CA LEU A 278 -28.73 -3.65 -4.39
C LEU A 278 -27.86 -2.96 -3.34
N PRO A 279 -28.44 -2.49 -2.24
CA PRO A 279 -27.67 -1.74 -1.26
C PRO A 279 -26.69 -2.64 -0.50
N GLU A 280 -25.64 -2.01 0.01
CA GLU A 280 -24.70 -2.72 0.87
C GLU A 280 -25.38 -3.10 2.18
N GLN A 281 -25.16 -4.33 2.62
CA GLN A 281 -25.72 -4.82 3.87
C GLN A 281 -24.75 -4.53 5.01
N PHE A 282 -25.29 -4.12 6.15
CA PHE A 282 -24.47 -3.65 7.27
C PHE A 282 -25.05 -4.16 8.58
N LEU A 283 -24.22 -4.09 9.62
CA LEU A 283 -24.60 -4.43 10.98
C LEU A 283 -24.86 -3.15 11.78
N TYR A 284 -25.25 -3.32 13.04
CA TYR A 284 -25.42 -2.21 13.97
C TYR A 284 -26.36 -1.13 13.42
N LYS A 289 -29.19 -5.54 22.09
CA LYS A 289 -29.04 -6.30 20.85
C LYS A 289 -27.90 -7.30 20.95
N HIS A 290 -28.13 -8.46 20.35
CA HIS A 290 -27.23 -9.60 20.39
C HIS A 290 -26.61 -9.79 19.01
N LEU A 291 -25.38 -10.31 18.99
CA LEU A 291 -24.69 -10.62 17.76
C LEU A 291 -24.03 -11.98 17.89
N THR A 292 -24.42 -12.93 17.04
CA THR A 292 -23.82 -14.26 17.12
C THR A 292 -22.41 -14.23 16.54
N TYR A 293 -21.55 -15.12 17.05
CA TYR A 293 -20.18 -15.15 16.54
C TYR A 293 -20.14 -15.42 15.05
N ASN A 294 -21.07 -16.25 14.55
CA ASN A 294 -21.14 -16.52 13.12
C ASN A 294 -21.43 -15.23 12.34
N ASP A 295 -22.49 -14.51 12.75
CA ASP A 295 -22.83 -13.27 12.06
C ASP A 295 -21.70 -12.25 12.16
N PHE A 296 -20.97 -12.23 13.27
CA PHE A 296 -19.82 -11.34 13.37
C PHE A 296 -18.74 -11.71 12.36
N ILE A 297 -18.35 -12.99 12.35
CA ILE A 297 -17.28 -13.43 11.46
C ILE A 297 -17.64 -13.15 10.01
N ASN A 298 -18.82 -13.60 9.58
CA ASN A 298 -19.20 -13.53 8.18
C ASN A 298 -19.72 -12.17 7.73
N LYS A 299 -20.33 -11.39 8.63
CA LYS A 299 -20.78 -10.04 8.23
C LYS A 299 -19.87 -8.88 8.66
N GLU A 300 -18.83 -9.11 9.47
CA GLU A 300 -18.01 -7.99 9.92
C GLU A 300 -16.52 -8.24 9.70
N LEU A 301 -15.95 -9.25 10.37
CA LEU A 301 -14.54 -9.55 10.17
C LEU A 301 -14.19 -9.71 8.70
N ILE A 302 -15.12 -10.24 7.91
CA ILE A 302 -14.86 -10.50 6.49
C ILE A 302 -14.49 -9.21 5.76
N LEU A 303 -15.06 -8.07 6.17
CA LEU A 303 -14.72 -6.80 5.53
C LEU A 303 -13.31 -6.34 5.91
N PHE A 304 -12.84 -6.70 7.10
CA PHE A 304 -11.42 -6.51 7.37
C PHE A 304 -10.58 -7.37 6.44
N SER A 305 -10.96 -8.64 6.28
CA SER A 305 -10.16 -9.53 5.43
C SER A 305 -10.08 -8.99 4.00
N ASN A 306 -11.21 -8.54 3.46
CA ASN A 306 -11.20 -8.01 2.11
C ASN A 306 -10.41 -6.71 2.04
N SER A 307 -10.62 -5.81 3.01
CA SER A 307 -9.84 -4.57 3.03
CA SER A 307 -9.84 -4.57 3.01
C SER A 307 -8.35 -4.85 3.17
N ASP A 308 -8.01 -5.95 3.84
CA ASP A 308 -6.63 -6.33 4.06
C ASP A 308 -5.98 -6.78 2.77
N ASN A 309 -6.70 -7.59 1.98
CA ASN A 309 -6.20 -7.90 0.64
C ASN A 309 -6.10 -6.65 -0.23
N GLU A 310 -7.10 -5.76 -0.17
CA GLU A 310 -7.07 -4.57 -1.02
C GLU A 310 -5.88 -3.66 -0.69
N ARG A 311 -5.52 -3.53 0.59
CA ARG A 311 -4.37 -2.71 0.91
C ARG A 311 -3.04 -3.45 0.73
N SER A 312 -3.03 -4.76 0.94
CA SER A 312 -1.78 -5.53 0.94
C SER A 312 -1.40 -6.13 -0.40
N ILE A 313 -2.30 -6.19 -1.37
CA ILE A 313 -2.06 -6.93 -2.60
C ILE A 313 -2.04 -5.97 -3.78
N PRO A 314 -0.91 -5.86 -4.48
CA PRO A 314 -0.73 -4.78 -5.46
C PRO A 314 -1.60 -4.95 -6.70
N SER A 315 -1.75 -3.85 -7.44
CA SER A 315 -2.43 -3.87 -8.73
C SER A 315 -1.47 -4.32 -9.84
N LEU A 316 -2.03 -5.04 -10.82
CA LEU A 316 -1.23 -5.42 -11.97
C LEU A 316 -0.79 -4.20 -12.77
N VAL A 317 -1.57 -3.12 -12.71
CA VAL A 317 -1.45 -2.04 -13.68
C VAL A 317 -0.20 -1.24 -13.39
N ASP A 318 -0.18 -0.51 -12.28
CA ASP A 318 0.97 0.28 -11.87
C ASP A 318 1.85 -0.43 -10.85
N GLY A 319 1.47 -1.61 -10.37
CA GLY A 319 2.29 -2.31 -9.40
C GLY A 319 2.29 -1.72 -8.01
N PHE A 320 1.22 -1.04 -7.63
CA PHE A 320 1.15 -0.27 -6.41
C PHE A 320 0.08 -0.83 -5.49
N LYS A 321 0.18 -0.45 -4.24
CA LYS A 321 -0.83 -0.63 -3.23
C LYS A 321 -1.41 0.74 -2.88
N PRO A 322 -2.65 0.78 -2.40
CA PRO A 322 -3.28 2.10 -2.17
C PRO A 322 -2.40 3.09 -1.41
N GLY A 323 -1.72 2.65 -0.36
CA GLY A 323 -0.84 3.56 0.35
C GLY A 323 0.26 4.10 -0.53
N GLN A 324 1.00 3.21 -1.22
CA GLN A 324 2.08 3.66 -2.09
C GLN A 324 1.55 4.63 -3.14
N ARG A 325 0.41 4.30 -3.75
CA ARG A 325 -0.13 5.16 -4.80
C ARG A 325 -0.52 6.52 -4.25
N LYS A 326 -1.06 6.55 -3.03
CA LYS A 326 -1.34 7.82 -2.37
C LYS A 326 -0.06 8.64 -2.20
N VAL A 327 1.03 7.97 -1.79
CA VAL A 327 2.31 8.66 -1.63
C VAL A 327 2.76 9.26 -2.95
N LEU A 328 2.72 8.46 -4.01
CA LEU A 328 3.24 8.94 -5.28
C LEU A 328 2.34 10.03 -5.87
N PHE A 329 1.03 9.91 -5.68
CA PHE A 329 0.12 10.98 -6.11
C PHE A 329 0.47 12.28 -5.39
N THR A 330 0.71 12.20 -4.08
CA THR A 330 1.06 13.39 -3.32
C THR A 330 2.34 14.02 -3.84
N CYS A 331 3.37 13.19 -4.07
CA CYS A 331 4.61 13.70 -4.62
C CYS A 331 4.38 14.36 -5.98
N PHE A 332 3.54 13.75 -6.82
CA PHE A 332 3.26 14.31 -8.14
C PHE A 332 2.56 15.66 -8.02
N LYS A 333 1.71 15.82 -7.02
CA LYS A 333 0.98 17.08 -6.89
C LYS A 333 1.85 18.17 -6.28
N ARG A 334 2.67 17.82 -5.28
CA ARG A 334 3.59 18.78 -4.68
C ARG A 334 4.62 19.26 -5.70
N ASN A 335 5.21 18.32 -6.45
CA ASN A 335 6.25 18.62 -7.43
C ASN A 335 7.43 19.35 -6.79
N ASP A 336 8.00 18.75 -5.75
CA ASP A 336 9.09 19.38 -5.02
C ASP A 336 10.33 19.52 -5.89
N LYS A 337 10.87 20.73 -5.96
CA LYS A 337 12.16 20.93 -6.60
C LYS A 337 13.31 20.62 -5.66
N ARG A 338 13.03 20.52 -4.36
CA ARG A 338 14.03 20.25 -3.34
C ARG A 338 13.55 19.12 -2.44
N GLU A 339 14.48 18.54 -1.69
CA GLU A 339 14.14 17.39 -0.86
C GLU A 339 13.23 17.80 0.30
N VAL A 340 12.51 16.81 0.82
CA VAL A 340 11.57 17.02 1.92
CA VAL A 340 11.57 17.01 1.91
C VAL A 340 11.77 15.89 2.93
N LYS A 341 11.80 16.25 4.20
CA LYS A 341 11.90 15.25 5.27
C LYS A 341 10.77 14.23 5.19
N VAL A 342 11.11 12.96 5.43
CA VAL A 342 10.12 11.90 5.28
C VAL A 342 8.95 12.09 6.23
N ALA A 343 9.19 12.60 7.44
CA ALA A 343 8.09 12.85 8.37
C ALA A 343 7.14 13.92 7.82
N GLN A 344 7.69 15.04 7.36
CA GLN A 344 6.85 16.11 6.80
C GLN A 344 6.12 15.62 5.55
N LEU A 345 6.83 14.95 4.64
CA LEU A 345 6.14 14.39 3.48
C LEU A 345 5.03 13.46 3.92
N ALA A 346 5.25 12.67 4.97
CA ALA A 346 4.21 11.77 5.47
C ALA A 346 2.97 12.53 5.88
N GLY A 347 3.14 13.57 6.71
CA GLY A 347 1.99 14.39 7.10
C GLY A 347 1.29 15.01 5.89
N SER A 348 2.08 15.50 4.93
CA SER A 348 1.49 16.08 3.73
C SER A 348 0.72 15.04 2.92
N VAL A 349 1.27 13.84 2.80
CA VAL A 349 0.52 12.74 2.19
C VAL A 349 -0.80 12.54 2.92
N ALA A 350 -0.75 12.42 4.25
CA ALA A 350 -1.99 12.25 5.01
C ALA A 350 -3.02 13.31 4.64
N GLU A 351 -2.61 14.59 4.57
CA GLU A 351 -3.59 15.64 4.28
C GLU A 351 -4.13 15.54 2.86
N MET A 352 -3.24 15.41 1.87
CA MET A 352 -3.64 15.51 0.47
C MET A 352 -4.26 14.25 -0.11
N SER A 353 -3.86 13.07 0.39
CA SER A 353 -4.38 11.82 -0.16
C SER A 353 -5.52 11.24 0.66
N ALA A 354 -5.89 11.87 1.78
CA ALA A 354 -6.88 11.31 2.70
C ALA A 354 -6.47 9.92 3.18
N TYR A 355 -5.24 9.82 3.70
CA TYR A 355 -4.71 8.56 4.21
C TYR A 355 -5.03 8.44 5.68
N HIS A 356 -5.86 7.45 6.03
CA HIS A 356 -6.50 7.40 7.33
C HIS A 356 -5.77 6.55 8.36
N HIS A 357 -4.60 6.03 8.05
CA HIS A 357 -3.88 5.17 8.97
C HIS A 357 -2.77 5.93 9.70
N GLY A 358 -2.03 5.22 10.55
CA GLY A 358 -1.01 5.85 11.36
C GLY A 358 0.18 6.33 10.57
N GLU A 359 0.88 7.32 11.14
CA GLU A 359 1.99 7.95 10.43
C GLU A 359 3.18 7.01 10.27
N GLN A 360 3.43 6.14 11.24
CA GLN A 360 4.58 5.25 11.15
C GLN A 360 4.51 4.36 9.90
N ALA A 361 3.35 3.71 9.69
CA ALA A 361 3.21 2.81 8.54
C ALA A 361 3.45 3.55 7.23
N LEU A 362 3.03 4.81 7.16
CA LEU A 362 3.20 5.58 5.94
C LEU A 362 4.64 6.01 5.76
N MET A 363 5.29 6.45 6.83
CA MET A 363 6.70 6.83 6.72
C MET A 363 7.54 5.65 6.26
N MET A 364 7.26 4.45 6.77
CA MET A 364 8.03 3.30 6.33
C MET A 364 7.64 2.87 4.92
N THR A 365 6.39 3.10 4.52
CA THR A 365 6.07 2.96 3.11
C THR A 365 6.99 3.83 2.25
N ILE A 366 7.14 5.10 2.63
CA ILE A 366 8.01 6.00 1.86
C ILE A 366 9.44 5.46 1.82
N VAL A 367 9.96 5.09 3.00
CA VAL A 367 11.32 4.56 3.08
C VAL A 367 11.48 3.36 2.15
N ASN A 368 10.53 2.43 2.21
CA ASN A 368 10.59 1.27 1.32
C ASN A 368 10.58 1.70 -0.15
N LEU A 369 9.87 2.77 -0.47
CA LEU A 369 9.84 3.23 -1.87
C LEU A 369 11.18 3.82 -2.29
N ALA A 370 11.95 4.37 -1.37
CA ALA A 370 13.17 5.05 -1.78
C ALA A 370 14.42 4.17 -1.81
N GLN A 371 14.32 2.90 -1.45
CA GLN A 371 15.52 2.13 -1.16
C GLN A 371 16.19 1.66 -2.46
N ASN A 372 17.45 2.05 -2.67
CA ASN A 372 18.22 1.65 -3.86
C ASN A 372 19.22 0.51 -3.65
N PHE A 373 19.32 -0.09 -2.48
CA PHE A 373 20.39 -1.07 -2.27
C PHE A 373 20.08 -2.42 -2.94
N VAL A 374 21.14 -3.20 -3.17
CA VAL A 374 21.03 -4.45 -3.91
C VAL A 374 19.99 -5.37 -3.26
N GLY A 375 19.04 -5.83 -4.06
CA GLY A 375 17.96 -6.66 -3.57
C GLY A 375 16.73 -5.92 -3.11
N SER A 376 16.61 -4.62 -3.40
CA SER A 376 15.37 -3.96 -3.02
C SER A 376 14.59 -3.46 -4.23
N ASN A 377 14.98 -2.31 -4.79
CA ASN A 377 14.24 -1.68 -5.89
C ASN A 377 15.17 -1.62 -7.10
N ASN A 378 14.72 -2.16 -8.22
CA ASN A 378 15.47 -2.01 -9.46
C ASN A 378 15.44 -0.56 -9.93
N ILE A 379 14.30 0.10 -9.77
CA ILE A 379 14.16 1.54 -9.97
C ILE A 379 13.41 2.11 -8.78
N ASN A 380 14.07 2.95 -8.00
CA ASN A 380 13.44 3.58 -6.84
C ASN A 380 12.81 4.89 -7.29
N LEU A 381 11.47 4.98 -7.17
CA LEU A 381 10.77 6.18 -7.63
C LEU A 381 11.01 7.39 -6.72
N LEU A 382 11.39 7.19 -5.46
CA LEU A 382 11.80 8.28 -4.59
C LEU A 382 13.31 8.22 -4.38
N GLN A 383 13.92 9.38 -4.23
CA GLN A 383 15.36 9.43 -4.00
C GLN A 383 15.68 9.22 -2.53
N PRO A 384 16.56 8.32 -2.20
CA PRO A 384 16.99 8.13 -0.81
C PRO A 384 18.09 9.13 -0.40
N ILE A 385 17.69 10.32 0.03
CA ILE A 385 18.66 11.32 0.47
CA ILE A 385 18.65 11.33 0.47
C ILE A 385 18.67 11.24 2.00
N GLY A 386 19.69 10.58 2.52
CA GLY A 386 19.81 10.24 3.91
C GLY A 386 20.41 8.85 3.98
N GLN A 387 20.29 8.20 5.15
CA GLN A 387 20.53 6.77 5.26
C GLN A 387 19.16 6.09 5.29
N PHE A 388 18.80 5.45 4.18
CA PHE A 388 17.53 4.75 4.03
C PHE A 388 17.63 3.24 4.24
N GLY A 389 18.78 2.75 4.69
CA GLY A 389 19.09 1.34 4.82
C GLY A 389 20.13 0.89 3.81
N THR A 390 20.84 -0.18 4.16
CA THR A 390 21.92 -0.69 3.32
C THR A 390 21.76 -2.18 3.12
N ARG A 391 22.55 -2.67 2.15
CA ARG A 391 22.68 -4.10 1.90
C ARG A 391 23.09 -4.86 3.15
N LEU A 392 23.81 -4.21 4.06
CA LEU A 392 24.42 -4.92 5.19
C LEU A 392 23.35 -5.49 6.12
N HIS A 393 22.44 -4.65 6.60
CA HIS A 393 21.36 -5.06 7.48
C HIS A 393 20.02 -5.25 6.79
N GLY A 394 19.96 -5.09 5.47
CA GLY A 394 18.70 -5.31 4.76
C GLY A 394 17.71 -4.18 4.88
N GLY A 395 18.18 -2.95 5.10
CA GLY A 395 17.32 -1.81 5.27
C GLY A 395 16.92 -1.51 6.68
N LYS A 396 17.02 -2.49 7.58
CA LYS A 396 16.68 -2.27 8.98
C LYS A 396 17.60 -1.26 9.65
N ASP A 397 18.67 -0.83 8.98
CA ASP A 397 19.59 0.18 9.48
C ASP A 397 19.19 1.60 9.06
N ALA A 398 18.04 1.76 8.41
CA ALA A 398 17.56 3.09 8.03
C ALA A 398 17.46 4.01 9.25
N ALA A 399 17.84 5.27 9.03
CA ALA A 399 17.74 6.30 10.05
C ALA A 399 16.29 6.72 10.24
N SER A 400 16.03 7.38 11.37
CA SER A 400 14.69 7.82 11.70
C SER A 400 14.11 8.69 10.59
N PRO A 401 12.80 8.58 10.32
CA PRO A 401 12.17 9.44 9.29
C PRO A 401 12.29 10.92 9.56
N ARG A 402 12.60 11.33 10.79
CA ARG A 402 12.75 12.76 11.05
C ARG A 402 14.06 13.29 10.48
N TYR A 403 15.08 12.44 10.39
CA TYR A 403 16.41 12.86 9.97
C TYR A 403 16.76 12.54 8.51
N ILE A 404 15.83 11.98 7.72
CA ILE A 404 16.13 11.66 6.33
C ILE A 404 15.13 12.36 5.40
N PHE A 405 15.55 12.54 4.15
CA PHE A 405 14.82 13.33 3.16
C PHE A 405 14.58 12.50 1.91
N THR A 406 13.66 12.96 1.07
CA THR A 406 13.47 12.32 -0.23
C THR A 406 12.83 13.32 -1.20
N MET A 407 12.69 12.88 -2.45
CA MET A 407 12.00 13.60 -3.51
C MET A 407 11.86 12.65 -4.69
N LEU A 408 11.21 13.12 -5.75
CA LEU A 408 10.94 12.27 -6.90
C LEU A 408 12.22 11.97 -7.66
N SER A 409 12.39 10.70 -8.01
CA SER A 409 13.36 10.34 -9.03
C SER A 409 13.01 11.03 -10.34
N THR A 410 14.04 11.45 -11.08
CA THR A 410 13.80 12.09 -12.37
C THR A 410 13.20 11.12 -13.39
N LEU A 411 13.21 9.81 -13.09
CA LEU A 411 12.52 8.82 -13.92
C LEU A 411 11.07 8.63 -13.53
N ALA A 412 10.65 9.16 -12.37
CA ALA A 412 9.30 8.90 -11.90
C ALA A 412 8.25 9.36 -12.92
N ARG A 413 8.31 10.64 -13.29
CA ARG A 413 7.37 11.19 -14.25
C ARG A 413 7.68 10.75 -15.68
N LEU A 414 8.85 10.18 -15.93
CA LEU A 414 9.08 9.55 -17.22
C LEU A 414 8.41 8.20 -17.31
N LEU A 415 8.32 7.48 -16.19
CA LEU A 415 7.61 6.21 -16.13
C LEU A 415 6.10 6.39 -16.05
N PHE A 416 5.65 7.48 -15.42
CA PHE A 416 4.24 7.81 -15.24
C PHE A 416 4.04 9.18 -15.86
N PRO A 417 3.86 9.27 -17.17
CA PRO A 417 3.77 10.58 -17.82
C PRO A 417 2.59 11.40 -17.30
N ALA A 418 2.83 12.70 -17.17
CA ALA A 418 1.84 13.60 -16.61
C ALA A 418 0.57 13.64 -17.47
N VAL A 419 0.74 13.60 -18.80
CA VAL A 419 -0.44 13.72 -19.66
C VAL A 419 -1.40 12.58 -19.41
N ASP A 420 -0.87 11.39 -19.09
CA ASP A 420 -1.74 10.24 -18.84
C ASP A 420 -2.64 10.45 -17.62
N ASP A 421 -2.32 11.42 -16.76
CA ASP A 421 -3.24 11.71 -15.66
C ASP A 421 -4.63 12.07 -16.17
N ASN A 422 -4.71 12.68 -17.35
CA ASN A 422 -6.00 13.03 -17.92
C ASN A 422 -6.82 11.80 -18.31
N LEU A 423 -6.19 10.62 -18.37
CA LEU A 423 -6.88 9.39 -18.72
C LEU A 423 -7.31 8.58 -17.50
N LEU A 424 -6.99 9.03 -16.30
CA LEU A 424 -7.25 8.17 -15.16
C LEU A 424 -8.59 8.48 -14.53
N LYS A 425 -8.95 7.65 -13.56
CA LYS A 425 -10.17 7.82 -12.77
C LYS A 425 -9.72 8.10 -11.35
N PHE A 426 -9.89 9.36 -10.91
CA PHE A 426 -9.48 9.75 -9.58
C PHE A 426 -10.63 9.51 -8.61
N LEU A 427 -10.30 8.93 -7.46
CA LEU A 427 -11.32 8.62 -6.47
C LEU A 427 -11.58 9.83 -5.57
N TYR A 428 -12.53 9.68 -4.66
CA TYR A 428 -12.97 10.77 -3.80
C TYR A 428 -13.13 10.26 -2.38
N ASP A 429 -12.67 11.05 -1.41
CA ASP A 429 -12.93 10.79 0.00
C ASP A 429 -13.67 12.00 0.58
N ASP A 430 -14.94 11.82 0.89
CA ASP A 430 -15.80 12.87 1.46
C ASP A 430 -15.69 14.17 0.67
N ASN A 431 -15.92 14.06 -0.64
CA ASN A 431 -15.93 15.17 -1.61
C ASN A 431 -14.53 15.67 -1.94
N GLN A 432 -13.48 15.14 -1.31
CA GLN A 432 -12.10 15.48 -1.63
C GLN A 432 -11.57 14.50 -2.67
N ARG A 433 -11.28 14.99 -3.87
CA ARG A 433 -10.64 14.15 -4.89
C ARG A 433 -9.22 13.83 -4.45
N VAL A 434 -8.86 12.55 -4.43
CA VAL A 434 -7.53 12.24 -3.97
C VAL A 434 -6.66 11.59 -5.04
N GLU A 435 -6.79 10.30 -5.30
CA GLU A 435 -5.80 9.63 -6.14
C GLU A 435 -6.49 8.58 -6.99
N PRO A 436 -5.90 8.21 -8.13
CA PRO A 436 -6.61 7.34 -9.07
C PRO A 436 -6.71 5.90 -8.57
N GLU A 437 -7.61 5.15 -9.20
CA GLU A 437 -7.64 3.72 -8.94
C GLU A 437 -6.32 3.07 -9.31
N TRP A 438 -5.68 3.54 -10.39
CA TRP A 438 -4.31 3.16 -10.71
C TRP A 438 -3.69 4.21 -11.60
N TYR A 439 -2.36 4.25 -11.59
CA TYR A 439 -1.68 4.91 -12.68
C TYR A 439 -1.42 3.90 -13.80
N ILE A 440 -0.87 4.38 -14.91
CA ILE A 440 -0.68 3.52 -16.07
C ILE A 440 0.73 3.75 -16.59
N PRO A 441 1.73 3.10 -16.01
CA PRO A 441 3.12 3.37 -16.40
C PRO A 441 3.41 2.88 -17.81
N ILE A 442 4.52 3.40 -18.37
CA ILE A 442 4.91 3.03 -19.73
C ILE A 442 5.45 1.60 -19.80
N ILE A 443 5.82 1.01 -18.67
CA ILE A 443 6.24 -0.39 -18.59
C ILE A 443 5.72 -0.98 -17.29
N PRO A 444 5.58 -2.32 -17.22
CA PRO A 444 4.92 -2.94 -16.06
C PRO A 444 5.78 -2.91 -14.79
N MET A 445 5.69 -1.79 -14.09
CA MET A 445 6.39 -1.58 -12.84
C MET A 445 6.15 -2.70 -11.81
N VAL A 446 5.04 -3.44 -11.89
CA VAL A 446 4.84 -4.54 -10.95
C VAL A 446 5.92 -5.60 -11.13
N LEU A 447 6.46 -5.73 -12.36
CA LEU A 447 7.57 -6.64 -12.59
C LEU A 447 8.91 -6.05 -12.20
N ILE A 448 9.06 -4.73 -12.29
CA ILE A 448 10.37 -4.11 -12.13
C ILE A 448 10.79 -4.11 -10.67
N ASN A 449 9.92 -3.66 -9.78
CA ASN A 449 10.29 -3.55 -8.38
C ASN A 449 9.87 -4.76 -7.56
N GLY A 450 9.29 -5.79 -8.19
CA GLY A 450 9.03 -7.02 -7.50
C GLY A 450 7.98 -6.92 -6.41
N ALA A 451 6.77 -6.51 -6.79
CA ALA A 451 5.71 -6.28 -5.82
C ALA A 451 5.46 -7.50 -4.94
N GLU A 452 5.17 -7.26 -3.66
CA GLU A 452 4.83 -8.33 -2.74
C GLU A 452 3.93 -7.78 -1.62
N GLY A 453 3.24 -8.70 -0.94
CA GLY A 453 2.41 -8.32 0.19
C GLY A 453 1.62 -9.50 0.74
N ILE A 454 1.10 -9.37 1.97
CA ILE A 454 0.42 -10.47 2.64
C ILE A 454 -0.95 -9.99 3.09
N GLY A 455 -1.98 -10.60 2.54
CA GLY A 455 -3.36 -10.36 2.93
C GLY A 455 -3.91 -11.49 3.77
N THR A 456 -5.21 -11.70 3.66
CA THR A 456 -5.90 -12.82 4.28
C THR A 456 -6.37 -13.73 3.15
N GLY A 457 -6.00 -15.02 3.23
CA GLY A 457 -6.36 -15.98 2.22
C GLY A 457 -5.49 -15.97 0.98
N TRP A 458 -4.78 -14.88 0.71
CA TRP A 458 -3.90 -14.77 -0.45
C TRP A 458 -2.68 -13.96 -0.07
N ALA A 459 -1.57 -14.27 -0.72
CA ALA A 459 -0.37 -13.47 -0.62
C ALA A 459 0.20 -13.28 -2.01
N CYS A 460 1.10 -12.32 -2.13
CA CYS A 460 1.66 -11.96 -3.42
C CYS A 460 3.17 -11.87 -3.28
N LYS A 461 3.90 -12.59 -4.14
CA LYS A 461 5.35 -12.43 -4.23
C LYS A 461 5.78 -12.46 -5.69
N LEU A 462 6.51 -11.43 -6.11
CA LEU A 462 7.15 -11.32 -7.41
C LEU A 462 8.59 -10.89 -7.22
N PRO A 463 9.53 -11.46 -7.99
CA PRO A 463 10.93 -11.03 -7.88
C PRO A 463 11.19 -9.88 -8.84
N ASN A 464 12.38 -9.28 -8.85
CA ASN A 464 12.49 -8.13 -9.74
C ASN A 464 12.78 -8.58 -11.17
N TYR A 465 12.78 -7.61 -12.08
CA TYR A 465 13.01 -7.89 -13.49
C TYR A 465 13.72 -6.69 -14.08
N ASP A 466 14.61 -6.95 -15.04
CA ASP A 466 15.40 -5.87 -15.63
C ASP A 466 14.52 -4.95 -16.45
N ALA A 467 14.64 -3.65 -16.18
CA ALA A 467 13.88 -2.64 -16.94
C ALA A 467 14.17 -2.74 -18.43
N ARG A 468 15.44 -2.89 -18.82
CA ARG A 468 15.76 -2.85 -20.25
C ARG A 468 15.25 -4.10 -20.98
N GLU A 469 15.21 -5.25 -20.32
CA GLU A 469 14.63 -6.42 -20.95
CA GLU A 469 14.63 -6.42 -20.95
C GLU A 469 13.13 -6.28 -21.10
N ILE A 470 12.47 -5.62 -20.14
CA ILE A 470 11.04 -5.38 -20.26
C ILE A 470 10.75 -4.37 -21.36
N VAL A 471 11.55 -3.30 -21.43
CA VAL A 471 11.41 -2.33 -22.52
C VAL A 471 11.57 -3.02 -23.86
N ASN A 472 12.55 -3.93 -23.95
CA ASN A 472 12.77 -4.63 -25.20
C ASN A 472 11.61 -5.57 -25.53
N ASN A 473 11.02 -6.21 -24.51
CA ASN A 473 9.87 -7.06 -24.77
C ASN A 473 8.68 -6.24 -25.25
N VAL A 474 8.48 -5.06 -24.66
CA VAL A 474 7.39 -4.18 -25.11
C VAL A 474 7.64 -3.75 -26.55
N ARG A 475 8.89 -3.45 -26.90
CA ARG A 475 9.22 -3.10 -28.28
C ARG A 475 8.97 -4.28 -29.23
N ARG A 476 9.32 -5.48 -28.79
CA ARG A 476 9.03 -6.67 -29.58
C ARG A 476 7.54 -6.79 -29.84
N MET A 477 6.72 -6.61 -28.82
CA MET A 477 5.28 -6.75 -29.01
C MET A 477 4.72 -5.61 -29.87
N LEU A 478 5.30 -4.42 -29.76
CA LEU A 478 4.90 -3.32 -30.62
C LEU A 478 5.26 -3.57 -32.06
N ASP A 479 6.30 -4.37 -32.31
CA ASP A 479 6.67 -4.75 -33.67
C ASP A 479 5.98 -6.01 -34.13
N GLY A 480 5.06 -6.57 -33.33
CA GLY A 480 4.24 -7.67 -33.77
C GLY A 480 4.79 -9.05 -33.49
N LEU A 481 5.81 -9.17 -32.65
CA LEU A 481 6.39 -10.45 -32.28
C LEU A 481 5.88 -10.91 -30.93
N ASP A 482 6.29 -12.14 -30.55
CA ASP A 482 6.06 -12.71 -29.23
C ASP A 482 7.16 -12.27 -28.28
N PRO A 483 6.87 -12.07 -27.00
CA PRO A 483 7.92 -11.68 -26.07
C PRO A 483 8.86 -12.84 -25.78
N HIS A 484 10.10 -12.49 -25.45
CA HIS A 484 11.03 -13.49 -24.94
C HIS A 484 10.66 -13.87 -23.51
N PRO A 485 10.98 -15.08 -23.07
CA PRO A 485 10.86 -15.39 -21.65
C PRO A 485 11.85 -14.57 -20.84
N MET A 486 11.51 -14.31 -19.57
CA MET A 486 12.31 -13.47 -18.69
C MET A 486 12.61 -14.19 -17.39
N LEU A 487 13.90 -14.26 -17.03
CA LEU A 487 14.21 -14.65 -15.65
C LEU A 487 14.28 -13.43 -14.74
N PRO A 488 14.12 -13.61 -13.43
CA PRO A 488 14.27 -12.47 -12.53
C PRO A 488 15.67 -11.88 -12.63
N ASN A 489 15.74 -10.56 -12.47
CA ASN A 489 17.00 -9.83 -12.58
C ASN A 489 17.01 -8.75 -11.51
N TYR A 490 18.06 -8.73 -10.70
CA TYR A 490 18.20 -7.74 -9.64
C TYR A 490 19.33 -6.78 -9.99
N LYS A 491 19.00 -5.48 -10.02
CA LYS A 491 19.98 -4.46 -10.37
C LYS A 491 21.22 -4.55 -9.46
N ASN A 492 22.39 -4.50 -10.09
CA ASN A 492 23.71 -4.56 -9.47
C ASN A 492 23.96 -5.87 -8.73
N PHE A 493 23.27 -6.94 -9.10
CA PHE A 493 23.53 -8.25 -8.50
C PHE A 493 24.53 -8.99 -9.40
N LYS A 494 25.69 -9.31 -8.84
CA LYS A 494 26.78 -9.92 -9.59
C LYS A 494 26.66 -11.44 -9.69
N GLY A 495 25.78 -12.07 -8.91
CA GLY A 495 25.59 -13.51 -8.96
C GLY A 495 24.78 -13.95 -10.15
N THR A 496 24.29 -15.19 -10.08
CA THR A 496 23.50 -15.78 -11.16
C THR A 496 22.12 -16.18 -10.66
N ILE A 497 21.15 -16.14 -11.55
CA ILE A 497 19.79 -16.62 -11.31
C ILE A 497 19.41 -17.52 -12.48
N GLN A 498 19.15 -18.80 -12.21
CA GLN A 498 18.92 -19.75 -13.29
C GLN A 498 17.62 -20.52 -13.04
N GLU A 499 16.94 -20.84 -14.13
CA GLU A 499 15.64 -21.47 -14.06
C GLU A 499 15.80 -22.95 -13.76
N LEU A 500 15.17 -23.40 -12.67
CA LEU A 500 15.16 -24.80 -12.25
C LEU A 500 14.00 -25.57 -12.85
N GLY A 501 12.79 -25.12 -12.56
CA GLY A 501 11.54 -25.70 -13.01
C GLY A 501 10.54 -24.58 -13.09
N GLN A 502 9.30 -24.91 -13.41
CA GLN A 502 8.30 -23.86 -13.60
C GLN A 502 8.19 -23.00 -12.36
N ASN A 503 8.42 -21.70 -12.53
CA ASN A 503 8.34 -20.72 -11.45
C ASN A 503 9.27 -21.04 -10.28
N GLN A 504 10.42 -21.66 -10.56
CA GLN A 504 11.40 -21.94 -9.53
C GLN A 504 12.80 -21.62 -10.07
N TYR A 505 13.64 -21.04 -9.22
CA TYR A 505 14.93 -20.54 -9.66
C TYR A 505 16.00 -20.79 -8.59
N ALA A 506 17.24 -20.92 -9.05
CA ALA A 506 18.41 -20.97 -8.20
C ALA A 506 19.10 -19.61 -8.23
N VAL A 507 19.32 -19.05 -7.05
CA VAL A 507 19.98 -17.75 -6.89
C VAL A 507 21.30 -17.99 -6.18
N SER A 508 22.41 -17.59 -6.80
CA SER A 508 23.73 -17.93 -6.30
C SER A 508 24.62 -16.70 -6.27
N GLY A 509 25.29 -16.50 -5.14
CA GLY A 509 26.37 -15.55 -5.06
C GLY A 509 27.63 -16.08 -5.74
N GLU A 510 28.74 -15.38 -5.47
CA GLU A 510 30.01 -15.67 -6.11
C GLU A 510 31.08 -15.95 -5.06
N ILE A 511 31.80 -17.07 -5.26
CA ILE A 511 32.94 -17.49 -4.42
C ILE A 511 34.01 -18.12 -5.30
N PHE A 512 35.28 -17.78 -5.04
CA PHE A 512 36.41 -18.20 -5.86
C PHE A 512 37.50 -18.82 -4.99
N VAL A 513 38.28 -19.73 -5.59
CA VAL A 513 39.47 -20.28 -4.95
C VAL A 513 40.64 -19.36 -5.29
N VAL A 514 41.20 -18.70 -4.27
CA VAL A 514 42.39 -17.88 -4.45
C VAL A 514 43.66 -18.74 -4.41
N ASP A 515 43.74 -19.65 -3.45
CA ASP A 515 44.89 -20.54 -3.30
C ASP A 515 44.49 -21.68 -2.38
N ARG A 516 45.47 -22.50 -1.97
CA ARG A 516 45.17 -23.74 -1.25
C ARG A 516 44.44 -23.48 0.06
N ASN A 517 44.78 -22.41 0.76
CA ASN A 517 44.15 -22.12 2.04
C ASN A 517 43.06 -21.05 1.97
N THR A 518 42.76 -20.50 0.78
CA THR A 518 42.02 -19.25 0.70
C THR A 518 40.92 -19.32 -0.35
N VAL A 519 39.72 -18.90 0.05
CA VAL A 519 38.61 -18.67 -0.85
C VAL A 519 38.10 -17.24 -0.64
N GLU A 520 37.59 -16.65 -1.72
CA GLU A 520 37.15 -15.27 -1.71
C GLU A 520 35.67 -15.25 -2.07
N ILE A 521 34.84 -14.70 -1.19
CA ILE A 521 33.41 -14.59 -1.43
C ILE A 521 33.11 -13.16 -1.84
N THR A 522 32.83 -12.94 -3.14
CA THR A 522 32.52 -11.60 -3.61
C THR A 522 31.03 -11.34 -3.80
N GLU A 523 30.17 -12.34 -3.63
CA GLU A 523 28.76 -12.01 -3.76
C GLU A 523 27.93 -12.97 -2.93
N LEU A 524 26.84 -12.44 -2.37
CA LEU A 524 25.88 -13.24 -1.63
C LEU A 524 24.58 -13.28 -2.43
N PRO A 525 23.79 -14.36 -2.31
CA PRO A 525 22.56 -14.44 -3.10
C PRO A 525 21.61 -13.31 -2.71
N VAL A 526 20.74 -12.95 -3.66
CA VAL A 526 19.80 -11.85 -3.47
C VAL A 526 19.01 -12.04 -2.18
N ARG A 527 18.88 -10.95 -1.42
CA ARG A 527 18.18 -10.82 -0.14
C ARG A 527 18.96 -11.43 1.02
N THR A 528 20.09 -12.06 0.79
CA THR A 528 20.92 -12.45 1.93
C THR A 528 21.75 -11.26 2.36
N TRP A 529 21.57 -10.82 3.61
CA TRP A 529 22.22 -9.62 4.10
C TRP A 529 23.61 -9.92 4.65
N THR A 530 24.52 -8.96 4.46
CA THR A 530 25.92 -9.16 4.83
C THR A 530 26.07 -9.53 6.30
N GLN A 531 25.49 -8.70 7.18
CA GLN A 531 25.61 -8.97 8.61
C GLN A 531 25.00 -10.32 8.96
N VAL A 532 23.84 -10.63 8.38
CA VAL A 532 23.17 -11.88 8.72
C VAL A 532 24.02 -13.07 8.27
N TYR A 533 24.57 -12.99 7.06
CA TYR A 533 25.44 -14.05 6.57
C TYR A 533 26.65 -14.23 7.49
N LYS A 534 27.31 -13.12 7.86
CA LYS A 534 28.43 -13.21 8.78
C LYS A 534 28.04 -13.93 10.06
N GLU A 535 26.92 -13.51 10.68
CA GLU A 535 26.56 -14.04 12.00
C GLU A 535 26.12 -15.50 11.93
N GLN A 536 25.35 -15.86 10.90
CA GLN A 536 24.73 -17.17 10.84
C GLN A 536 25.45 -18.17 9.95
N VAL A 537 26.54 -17.79 9.28
CA VAL A 537 27.26 -18.74 8.42
C VAL A 537 28.73 -18.76 8.75
N LEU A 538 29.44 -17.66 8.52
CA LEU A 538 30.88 -17.64 8.71
C LEU A 538 31.26 -17.79 10.19
N GLU A 539 30.56 -17.06 11.07
CA GLU A 539 30.87 -17.19 12.49
C GLU A 539 30.64 -18.60 13.01
N PRO A 540 29.54 -19.31 12.67
CA PRO A 540 29.43 -20.71 13.11
C PRO A 540 30.48 -21.61 12.50
N MET A 541 30.87 -21.35 11.25
CA MET A 541 31.94 -22.12 10.64
C MET A 541 33.26 -21.92 11.40
N LEU A 542 33.52 -20.70 11.86
CA LEU A 542 34.78 -20.38 12.50
C LEU A 542 34.83 -20.88 13.94
N ASN A 543 33.77 -20.62 14.71
CA ASN A 543 33.73 -21.01 16.11
C ASN A 543 33.25 -22.44 16.31
N GLY A 544 32.66 -23.06 15.29
CA GLY A 544 32.08 -24.39 15.46
C GLY A 544 30.81 -24.35 16.28
N THR A 545 30.13 -25.50 16.41
CA THR A 545 28.96 -25.62 17.26
C THR A 545 29.05 -26.92 18.04
N ASP A 546 28.03 -27.15 18.88
CA ASP A 546 27.91 -28.41 19.60
C ASP A 546 27.98 -29.60 18.65
N LYS A 547 27.14 -29.59 17.61
CA LYS A 547 27.11 -30.73 16.69
C LYS A 547 28.22 -30.68 15.64
N THR A 548 28.46 -29.50 15.07
CA THR A 548 29.34 -29.30 13.93
C THR A 548 30.61 -28.63 14.38
N PRO A 549 31.76 -29.24 14.16
CA PRO A 549 33.04 -28.61 14.52
C PRO A 549 33.38 -27.51 13.53
N ALA A 550 34.52 -26.87 13.75
CA ALA A 550 34.90 -25.68 12.98
C ALA A 550 35.45 -26.08 11.63
N LEU A 551 34.82 -25.59 10.55
CA LEU A 551 35.33 -25.85 9.20
C LEU A 551 36.44 -24.90 8.77
N ILE A 552 36.38 -23.62 9.17
CA ILE A 552 37.29 -22.61 8.63
C ILE A 552 38.16 -22.05 9.74
N SER A 553 39.41 -21.70 9.37
CA SER A 553 40.40 -21.23 10.34
CA SER A 553 40.41 -21.23 10.33
C SER A 553 40.26 -19.74 10.64
N ASP A 554 39.97 -18.92 9.65
CA ASP A 554 39.75 -17.49 9.88
C ASP A 554 39.00 -16.90 8.71
N TYR A 555 38.63 -15.62 8.83
CA TYR A 555 38.08 -14.84 7.73
C TYR A 555 38.30 -13.36 8.02
N LYS A 556 38.25 -12.54 6.96
CA LYS A 556 38.39 -11.09 7.09
C LYS A 556 37.41 -10.43 6.12
N GLU A 557 37.07 -9.16 6.40
CA GLU A 557 35.98 -8.47 5.72
C GLU A 557 36.49 -7.20 5.06
N TYR A 558 36.33 -7.12 3.74
CA TYR A 558 36.73 -6.01 2.88
C TYR A 558 35.56 -5.12 2.41
N HIS A 559 34.37 -5.24 3.00
CA HIS A 559 33.10 -4.76 2.43
C HIS A 559 33.04 -3.26 2.14
N THR A 560 32.20 -2.95 1.17
CA THR A 560 31.68 -1.64 0.85
C THR A 560 30.23 -1.59 1.31
N ASP A 561 29.77 -0.38 1.63
CA ASP A 561 28.37 -0.22 1.94
C ASP A 561 27.48 -0.86 0.88
N THR A 562 27.90 -0.83 -0.40
CA THR A 562 27.16 -1.48 -1.48
C THR A 562 27.72 -2.81 -1.97
N THR A 563 28.83 -3.33 -1.42
CA THR A 563 29.41 -4.56 -1.96
C THR A 563 29.83 -5.49 -0.82
N VAL A 564 30.17 -6.72 -1.20
CA VAL A 564 30.50 -7.81 -0.29
C VAL A 564 31.84 -8.40 -0.70
N LYS A 565 32.81 -8.42 0.22
CA LYS A 565 34.03 -9.20 0.02
C LYS A 565 34.44 -9.91 1.30
N PHE A 566 34.44 -11.25 1.27
CA PHE A 566 34.94 -12.08 2.36
C PHE A 566 36.14 -12.86 1.85
N VAL A 567 37.21 -12.91 2.65
CA VAL A 567 38.36 -13.77 2.36
C VAL A 567 38.47 -14.77 3.51
N VAL A 568 38.22 -16.05 3.22
CA VAL A 568 38.14 -17.10 4.23
C VAL A 568 39.37 -17.98 4.17
N LYS A 569 39.95 -18.28 5.33
CA LYS A 569 41.13 -19.14 5.42
C LYS A 569 40.74 -20.50 5.96
N MET A 570 41.22 -21.56 5.31
CA MET A 570 40.94 -22.93 5.72
C MET A 570 42.22 -23.73 5.63
N THR A 571 42.20 -24.93 6.23
CA THR A 571 43.27 -25.88 6.01
C THR A 571 43.22 -26.37 4.55
N GLU A 572 44.37 -26.88 4.09
CA GLU A 572 44.41 -27.40 2.72
C GLU A 572 43.41 -28.52 2.54
N GLU A 573 43.45 -29.53 3.43
CA GLU A 573 42.55 -30.67 3.33
C GLU A 573 41.08 -30.25 3.43
N LYS A 574 40.79 -29.31 4.31
CA LYS A 574 39.39 -28.94 4.49
C LYS A 574 38.88 -28.08 3.34
N LEU A 575 39.72 -27.27 2.71
CA LEU A 575 39.26 -26.63 1.48
C LEU A 575 39.01 -27.69 0.42
N ALA A 576 39.93 -28.65 0.27
CA ALA A 576 39.74 -29.72 -0.70
C ALA A 576 38.41 -30.43 -0.50
N GLN A 577 38.07 -30.75 0.74
CA GLN A 577 36.79 -31.40 1.00
C GLN A 577 35.64 -30.46 0.67
N ALA A 578 35.78 -29.16 0.99
CA ALA A 578 34.68 -28.24 0.73
C ALA A 578 34.39 -28.11 -0.76
N GLU A 579 35.43 -27.97 -1.60
CA GLU A 579 35.18 -27.83 -3.02
C GLU A 579 34.77 -29.16 -3.65
N ALA A 580 35.21 -30.28 -3.06
CA ALA A 580 34.65 -31.58 -3.44
C ALA A 580 33.14 -31.61 -3.23
N ALA A 581 32.68 -31.19 -2.05
CA ALA A 581 31.25 -31.07 -1.78
C ALA A 581 30.60 -29.89 -2.49
N GLY A 582 31.39 -29.00 -3.06
CA GLY A 582 30.98 -27.80 -3.77
C GLY A 582 30.99 -26.58 -2.88
N LEU A 583 31.42 -25.44 -3.43
CA LEU A 583 31.70 -24.29 -2.59
C LEU A 583 30.44 -23.52 -2.24
N HIS A 584 29.51 -23.44 -3.20
CA HIS A 584 28.26 -22.72 -2.96
C HIS A 584 27.37 -23.45 -1.94
N LYS A 585 27.38 -24.78 -1.94
CA LYS A 585 26.58 -25.50 -0.97
C LYS A 585 27.19 -25.38 0.43
N VAL A 586 28.48 -25.71 0.54
CA VAL A 586 29.18 -25.61 1.83
C VAL A 586 29.00 -24.23 2.45
N PHE A 587 29.24 -23.18 1.66
CA PHE A 587 29.23 -21.82 2.18
C PHE A 587 27.85 -21.15 2.13
N LYS A 588 26.80 -21.91 1.78
CA LYS A 588 25.41 -21.42 1.84
C LYS A 588 25.21 -20.21 0.93
N LEU A 589 25.80 -20.27 -0.27
CA LEU A 589 25.68 -19.21 -1.25
C LEU A 589 24.59 -19.45 -2.30
N GLN A 590 23.80 -20.53 -2.17
CA GLN A 590 22.67 -20.80 -3.06
C GLN A 590 21.37 -20.83 -2.28
N THR A 591 20.40 -20.01 -2.70
CA THR A 591 19.05 -20.11 -2.17
C THR A 591 18.07 -20.38 -3.31
N THR A 592 17.01 -21.14 -2.99
CA THR A 592 15.93 -21.37 -3.93
C THR A 592 14.95 -20.20 -3.90
N LEU A 593 14.45 -19.82 -5.07
CA LEU A 593 13.42 -18.78 -5.18
C LEU A 593 12.26 -19.37 -5.98
N THR A 594 11.10 -19.49 -5.33
CA THR A 594 9.93 -20.10 -5.94
C THR A 594 8.80 -19.10 -5.88
N CYS A 595 8.29 -18.70 -7.04
CA CYS A 595 7.12 -17.83 -7.02
C CYS A 595 5.95 -18.62 -7.61
N ASN A 596 5.16 -19.24 -6.74
CA ASN A 596 3.90 -19.85 -7.14
C ASN A 596 2.67 -19.06 -6.74
N SER A 597 2.80 -17.98 -5.96
CA SER A 597 1.68 -17.08 -5.74
C SER A 597 2.05 -15.74 -6.33
N MET A 598 1.55 -15.48 -7.53
CA MET A 598 1.60 -14.14 -8.11
C MET A 598 0.15 -13.73 -8.18
N VAL A 599 -0.27 -12.86 -7.27
CA VAL A 599 -1.68 -12.53 -7.12
C VAL A 599 -1.76 -11.03 -7.26
N LEU A 600 -2.58 -10.56 -8.18
CA LEU A 600 -2.66 -9.15 -8.48
C LEU A 600 -4.11 -8.79 -8.72
N PHE A 601 -4.44 -7.52 -8.51
CA PHE A 601 -5.72 -6.99 -8.92
C PHE A 601 -5.60 -6.55 -10.38
N ASP A 602 -6.44 -7.13 -11.24
CA ASP A 602 -6.43 -6.74 -12.65
C ASP A 602 -7.07 -5.35 -12.81
N HIS A 603 -7.15 -4.89 -14.06
CA HIS A 603 -7.68 -3.56 -14.33
C HIS A 603 -9.16 -3.43 -13.96
N MET A 604 -9.85 -4.52 -13.64
CA MET A 604 -11.21 -4.41 -13.14
C MET A 604 -11.29 -4.42 -11.62
N GLY A 605 -10.16 -4.49 -10.93
CA GLY A 605 -10.21 -4.64 -9.49
C GLY A 605 -10.51 -6.04 -9.01
N CYS A 606 -10.49 -7.02 -9.90
CA CYS A 606 -10.70 -8.42 -9.54
C CYS A 606 -9.37 -9.08 -9.20
N LEU A 607 -9.36 -9.85 -8.12
CA LEU A 607 -8.17 -10.62 -7.75
C LEU A 607 -7.95 -11.75 -8.75
N LYS A 608 -6.71 -11.91 -9.20
CA LYS A 608 -6.39 -12.92 -10.19
C LYS A 608 -5.03 -13.52 -9.90
N LYS A 609 -4.91 -14.82 -10.08
CA LYS A 609 -3.65 -15.52 -9.94
C LYS A 609 -3.03 -15.72 -11.32
N TYR A 610 -1.79 -15.27 -11.46
CA TYR A 610 -1.06 -15.36 -12.72
C TYR A 610 -0.03 -16.48 -12.61
N GLU A 611 -0.05 -17.41 -13.56
CA GLU A 611 0.86 -18.54 -13.52
C GLU A 611 2.25 -18.17 -14.03
N THR A 612 2.34 -17.29 -15.03
CA THR A 612 3.63 -16.86 -15.56
C THR A 612 3.67 -15.34 -15.64
N VAL A 613 4.90 -14.81 -15.61
CA VAL A 613 5.11 -13.37 -15.76
CA VAL A 613 5.07 -13.36 -15.75
C VAL A 613 4.68 -12.91 -17.15
N GLN A 614 4.75 -13.80 -18.15
CA GLN A 614 4.36 -13.41 -19.50
CA GLN A 614 4.35 -13.41 -19.51
C GLN A 614 2.87 -13.05 -19.56
N ASP A 615 2.05 -13.64 -18.69
CA ASP A 615 0.64 -13.29 -18.63
C ASP A 615 0.47 -11.87 -18.11
N ILE A 616 1.20 -11.53 -17.04
CA ILE A 616 1.22 -10.16 -16.51
C ILE A 616 1.64 -9.20 -17.61
N LEU A 617 2.72 -9.54 -18.31
CA LEU A 617 3.24 -8.70 -19.38
C LEU A 617 2.20 -8.50 -20.48
N LYS A 618 1.51 -9.56 -20.89
CA LYS A 618 0.58 -9.41 -22.00
C LYS A 618 -0.64 -8.58 -21.59
N GLU A 619 -1.25 -8.91 -20.44
CA GLU A 619 -2.40 -8.17 -19.95
C GLU A 619 -2.07 -6.68 -19.80
N PHE A 620 -0.94 -6.39 -19.12
CA PHE A 620 -0.48 -5.02 -19.06
C PHE A 620 -0.37 -4.41 -20.44
N PHE A 621 0.27 -5.13 -21.37
CA PHE A 621 0.54 -4.56 -22.68
C PHE A 621 -0.75 -4.14 -23.37
N ASP A 622 -1.75 -5.03 -23.38
CA ASP A 622 -3.03 -4.70 -24.01
C ASP A 622 -3.63 -3.44 -23.38
N LEU A 623 -3.73 -3.43 -22.05
CA LEU A 623 -4.30 -2.27 -21.37
C LEU A 623 -3.54 -1.00 -21.72
N ARG A 624 -2.21 -1.05 -21.69
CA ARG A 624 -1.40 0.16 -21.81
C ARG A 624 -1.45 0.70 -23.23
N LEU A 625 -1.43 -0.17 -24.24
CA LEU A 625 -1.53 0.33 -25.61
C LEU A 625 -2.91 0.88 -25.89
N SER A 626 -3.94 0.28 -25.27
CA SER A 626 -5.28 0.88 -25.31
C SER A 626 -5.23 2.31 -24.77
N TYR A 627 -4.57 2.49 -23.63
CA TYR A 627 -4.51 3.82 -23.05
C TYR A 627 -3.62 4.76 -23.87
N TYR A 628 -2.72 4.22 -24.70
CA TYR A 628 -1.96 5.08 -25.59
C TYR A 628 -2.84 5.61 -26.72
N GLY A 629 -3.70 4.74 -27.27
CA GLY A 629 -4.70 5.24 -28.20
C GLY A 629 -5.62 6.28 -27.58
N LEU A 630 -6.10 6.01 -26.36
CA LEU A 630 -6.83 7.02 -25.61
C LEU A 630 -6.04 8.32 -25.50
N ARG A 631 -4.72 8.21 -25.24
CA ARG A 631 -3.93 9.42 -25.07
C ARG A 631 -3.86 10.21 -26.37
N LYS A 632 -3.78 9.52 -27.51
CA LYS A 632 -3.79 10.23 -28.79
C LYS A 632 -5.13 10.92 -29.01
N GLU A 633 -6.23 10.23 -28.71
CA GLU A 633 -7.54 10.85 -28.85
C GLU A 633 -7.63 12.12 -28.00
N TRP A 634 -7.28 12.01 -26.72
CA TRP A 634 -7.32 13.18 -25.84
C TRP A 634 -6.43 14.29 -26.36
N LEU A 635 -5.24 13.93 -26.88
CA LEU A 635 -4.30 14.96 -27.32
C LEU A 635 -4.79 15.67 -28.58
N VAL A 636 -5.41 14.96 -29.51
CA VAL A 636 -5.94 15.67 -30.67
C VAL A 636 -7.13 16.52 -30.26
N GLY A 637 -7.90 16.07 -29.26
CA GLY A 637 -8.95 16.92 -28.73
C GLY A 637 -8.39 18.21 -28.15
N MET A 638 -7.43 18.10 -27.24
CA MET A 638 -6.87 19.26 -26.55
C MET A 638 -6.14 20.18 -27.52
N LEU A 639 -5.18 19.63 -28.28
CA LEU A 639 -4.44 20.45 -29.23
C LEU A 639 -5.36 21.04 -30.28
N GLY A 640 -6.43 20.34 -30.65
CA GLY A 640 -7.39 20.89 -31.60
C GLY A 640 -8.13 22.08 -31.02
N ALA A 641 -8.60 21.96 -29.78
CA ALA A 641 -9.24 23.09 -29.12
C ALA A 641 -8.27 24.27 -29.01
N GLU A 642 -7.03 24.01 -28.62
CA GLU A 642 -6.03 25.07 -28.52
C GLU A 642 -5.84 25.77 -29.87
N SER A 643 -5.80 25.00 -30.95
CA SER A 643 -5.55 25.57 -32.27
C SER A 643 -6.74 26.43 -32.71
N THR A 644 -7.97 25.98 -32.42
CA THR A 644 -9.13 26.83 -32.70
C THR A 644 -9.08 28.10 -31.87
N LYS A 645 -8.78 27.99 -30.58
CA LYS A 645 -8.62 29.17 -29.72
C LYS A 645 -7.64 30.16 -30.33
N LEU A 646 -6.44 29.69 -30.67
CA LEU A 646 -5.44 30.57 -31.28
C LEU A 646 -5.93 31.18 -32.58
N ASN A 647 -6.77 30.44 -33.33
CA ASN A 647 -7.28 30.94 -34.60
C ASN A 647 -8.29 32.08 -34.42
N ASN A 648 -9.21 31.94 -33.45
CA ASN A 648 -10.15 33.02 -33.20
C ASN A 648 -9.49 34.22 -32.52
N GLN A 649 -8.51 33.98 -31.64
CA GLN A 649 -7.68 35.09 -31.16
C GLN A 649 -7.05 35.84 -32.34
N ALA A 650 -6.44 35.10 -33.27
CA ALA A 650 -5.76 35.71 -34.41
C ALA A 650 -6.74 36.47 -35.31
N ARG A 651 -7.92 35.89 -35.56
CA ARG A 651 -8.91 36.55 -36.40
C ARG A 651 -9.40 37.84 -35.74
N PHE A 652 -9.72 37.77 -34.45
CA PHE A 652 -10.17 38.97 -33.74
C PHE A 652 -9.14 40.08 -33.83
N ILE A 653 -7.91 39.79 -33.38
CA ILE A 653 -6.91 40.85 -33.30
C ILE A 653 -6.54 41.33 -34.71
N LEU A 654 -6.51 40.41 -35.68
CA LEU A 654 -6.20 40.77 -37.06
C LEU A 654 -7.27 41.69 -37.65
N GLU A 655 -8.53 41.50 -37.25
CA GLU A 655 -9.57 42.42 -37.69
C GLU A 655 -9.57 43.72 -36.89
N LYS A 656 -9.11 43.71 -35.64
CA LYS A 656 -8.99 44.95 -34.89
C LYS A 656 -7.89 45.84 -35.47
N ILE A 657 -6.75 45.25 -35.81
CA ILE A 657 -5.65 46.01 -36.42
C ILE A 657 -5.99 46.38 -37.85
N GLN A 658 -6.65 45.46 -38.57
CA GLN A 658 -7.13 45.77 -39.91
C GLN A 658 -8.26 46.81 -39.89
N GLY A 659 -8.85 47.07 -38.73
CA GLY A 659 -9.92 48.03 -38.61
C GLY A 659 -11.30 47.51 -38.93
N LYS A 660 -11.47 46.20 -39.06
CA LYS A 660 -12.78 45.66 -39.42
C LYS A 660 -13.80 45.86 -38.31
N ILE A 661 -13.37 45.81 -37.05
CA ILE A 661 -14.27 46.03 -35.93
C ILE A 661 -13.53 46.79 -34.82
N THR A 662 -14.27 47.65 -34.13
CA THR A 662 -13.74 48.50 -33.08
C THR A 662 -14.43 48.17 -31.76
N ILE A 663 -13.63 47.87 -30.73
CA ILE A 663 -14.17 47.50 -29.43
C ILE A 663 -14.43 48.71 -28.53
N GLU A 664 -13.89 49.88 -28.87
CA GLU A 664 -13.88 51.01 -27.94
C GLU A 664 -15.29 51.46 -27.59
N ASN A 665 -15.58 51.52 -26.28
CA ASN A 665 -16.81 51.98 -25.65
C ASN A 665 -17.99 51.04 -25.79
N ARG A 666 -17.84 49.96 -26.56
CA ARG A 666 -18.95 49.02 -26.70
C ARG A 666 -19.34 48.46 -25.32
N SER A 667 -20.65 48.41 -25.08
CA SER A 667 -21.14 47.81 -23.84
C SER A 667 -20.82 46.32 -23.81
N LYS A 668 -20.69 45.79 -22.58
CA LYS A 668 -20.35 44.38 -22.42
C LYS A 668 -21.37 43.49 -23.12
N LYS A 669 -22.66 43.73 -22.85
CA LYS A 669 -23.70 42.94 -23.47
C LYS A 669 -23.70 43.11 -24.99
N ASP A 670 -23.61 44.36 -25.45
CA ASP A 670 -23.61 44.63 -26.89
C ASP A 670 -22.39 43.98 -27.56
N LEU A 671 -21.24 44.03 -26.89
CA LEU A 671 -20.03 43.43 -27.47
C LEU A 671 -20.14 41.92 -27.54
N ILE A 672 -20.58 41.27 -26.45
CA ILE A 672 -20.71 39.80 -26.48
C ILE A 672 -21.70 39.38 -27.57
N GLN A 673 -22.83 40.09 -27.66
CA GLN A 673 -23.83 39.77 -28.68
C GLN A 673 -23.26 39.96 -30.08
N MET A 674 -22.50 41.04 -30.30
CA MET A 674 -21.89 41.26 -31.61
C MET A 674 -20.86 40.19 -31.92
N LEU A 675 -20.08 39.78 -30.92
CA LEU A 675 -19.05 38.77 -31.14
C LEU A 675 -19.68 37.45 -31.53
N VAL A 676 -20.78 37.05 -30.87
CA VAL A 676 -21.44 35.81 -31.27
C VAL A 676 -22.16 36.00 -32.61
N GLN A 677 -22.52 37.23 -32.96
CA GLN A 677 -23.13 37.47 -34.26
C GLN A 677 -22.11 37.44 -35.39
N ARG A 678 -20.83 37.67 -35.08
CA ARG A 678 -19.79 37.70 -36.09
C ARG A 678 -19.08 36.36 -36.26
N GLY A 679 -19.48 35.34 -35.50
CA GLY A 679 -18.99 33.98 -35.70
C GLY A 679 -17.91 33.50 -34.76
N TYR A 680 -17.51 34.30 -33.78
CA TYR A 680 -16.42 33.89 -32.90
C TYR A 680 -16.88 32.79 -31.95
N GLU A 681 -16.07 31.74 -31.83
CA GLU A 681 -16.39 30.60 -31.00
C GLU A 681 -16.22 30.94 -29.52
N SER A 682 -16.86 30.15 -28.66
CA SER A 682 -16.79 30.33 -27.22
C SER A 682 -15.73 29.40 -26.64
N ASP A 683 -14.60 29.98 -26.18
CA ASP A 683 -13.57 29.40 -25.33
C ASP A 683 -13.41 27.91 -25.62
N PRO A 684 -12.95 27.53 -26.80
CA PRO A 684 -12.99 26.10 -27.19
C PRO A 684 -12.36 25.16 -26.17
N VAL A 685 -11.37 25.63 -25.40
CA VAL A 685 -10.72 24.76 -24.41
C VAL A 685 -11.67 24.48 -23.24
N LYS A 686 -12.34 25.51 -22.73
CA LYS A 686 -13.28 25.29 -21.63
C LYS A 686 -14.51 24.50 -22.09
N ALA A 687 -14.97 24.74 -23.32
CA ALA A 687 -16.12 24.01 -23.82
C ALA A 687 -15.79 22.54 -24.06
N TRP A 688 -14.61 22.26 -24.61
CA TRP A 688 -14.23 20.87 -24.84
C TRP A 688 -13.89 20.17 -23.53
N LYS A 689 -13.32 20.88 -22.56
CA LYS A 689 -13.08 20.29 -21.25
C LYS A 689 -14.39 19.99 -20.54
N GLU A 690 -15.36 20.91 -20.60
CA GLU A 690 -16.65 20.68 -19.99
C GLU A 690 -17.42 19.57 -20.69
N ALA A 691 -17.21 19.41 -21.99
CA ALA A 691 -17.95 18.41 -22.77
C ALA A 691 -17.53 16.98 -22.46
N GLN A 692 -16.45 16.77 -21.70
CA GLN A 692 -16.00 15.42 -21.37
C GLN A 692 -16.88 14.77 -20.29
N GLU A 693 -17.62 15.56 -19.53
CA GLU A 693 -18.53 15.01 -18.52
C GLU A 693 -19.79 14.44 -19.18
N GLY A 717 -23.57 32.00 -19.75
CA GLY A 717 -23.49 32.66 -21.03
C GLY A 717 -22.19 32.39 -21.77
N PRO A 718 -22.17 32.68 -23.07
CA PRO A 718 -20.94 32.50 -23.86
C PRO A 718 -19.76 33.23 -23.23
N ASP A 719 -18.61 32.54 -23.17
CA ASP A 719 -17.37 33.07 -22.62
C ASP A 719 -16.36 33.26 -23.77
N PHE A 720 -16.16 34.52 -24.16
CA PHE A 720 -15.07 35.01 -24.98
C PHE A 720 -13.92 35.69 -24.20
N ASN A 721 -13.95 35.64 -22.87
CA ASN A 721 -12.93 36.32 -22.05
C ASN A 721 -11.52 36.02 -22.53
N TYR A 722 -11.27 34.80 -23.02
CA TYR A 722 -9.95 34.45 -23.53
C TYR A 722 -9.48 35.41 -24.63
N ILE A 723 -10.42 35.98 -25.38
CA ILE A 723 -10.09 37.01 -26.37
C ILE A 723 -9.97 38.39 -25.73
N LEU A 724 -10.84 38.73 -24.78
CA LEU A 724 -10.87 40.12 -24.32
C LEU A 724 -9.95 40.38 -23.13
N ASN A 725 -9.38 39.35 -22.52
CA ASN A 725 -8.38 39.56 -21.48
C ASN A 725 -6.98 39.70 -22.04
N MET A 726 -6.82 39.64 -23.37
CA MET A 726 -5.50 39.83 -23.95
C MET A 726 -5.00 41.23 -23.68
N SER A 727 -3.69 41.35 -23.60
CA SER A 727 -3.04 42.62 -23.38
C SER A 727 -3.27 43.53 -24.58
N LEU A 728 -3.18 44.85 -24.34
CA LEU A 728 -3.14 45.78 -25.47
C LEU A 728 -1.85 45.63 -26.26
N TRP A 729 -0.79 45.12 -25.62
CA TRP A 729 0.42 44.73 -26.34
C TRP A 729 0.09 43.83 -27.51
N SER A 730 -1.03 43.08 -27.42
CA SER A 730 -1.43 42.19 -28.49
C SER A 730 -1.41 42.90 -29.84
N LEU A 731 -1.98 44.12 -29.90
CA LEU A 731 -2.11 44.80 -31.19
C LEU A 731 -0.82 45.40 -31.69
N THR A 732 0.26 45.37 -30.92
CA THR A 732 1.58 45.74 -31.42
C THR A 732 2.04 44.76 -32.51
N LYS A 733 2.95 45.24 -33.37
CA LYS A 733 3.26 44.51 -34.61
C LYS A 733 3.94 43.18 -34.32
N GLU A 734 4.86 43.13 -33.38
CA GLU A 734 5.55 41.88 -33.08
C GLU A 734 4.70 40.92 -32.26
N LYS A 735 3.66 41.44 -31.60
CA LYS A 735 2.72 40.56 -30.92
C LYS A 735 1.79 39.90 -31.93
N VAL A 736 1.30 40.65 -32.92
CA VAL A 736 0.56 39.98 -33.99
C VAL A 736 1.47 39.01 -34.73
N GLU A 737 2.73 39.39 -34.98
CA GLU A 737 3.64 38.50 -35.69
C GLU A 737 3.85 37.19 -34.93
N GLU A 738 4.25 37.28 -33.64
CA GLU A 738 4.46 36.08 -32.84
C GLU A 738 3.18 35.29 -32.62
N LEU A 739 2.02 35.95 -32.68
CA LEU A 739 0.77 35.24 -32.48
C LEU A 739 0.36 34.46 -33.73
N ILE A 740 0.57 35.03 -34.92
CA ILE A 740 0.41 34.26 -36.15
C ILE A 740 1.38 33.08 -36.18
N LYS A 741 2.63 33.30 -35.73
CA LYS A 741 3.59 32.20 -35.67
C LYS A 741 3.11 31.11 -34.70
N GLN A 742 2.58 31.51 -33.53
CA GLN A 742 2.04 30.53 -32.60
C GLN A 742 0.87 29.77 -33.22
N ARG A 743 0.04 30.48 -33.99
CA ARG A 743 -1.13 29.86 -34.62
C ARG A 743 -0.70 28.79 -35.63
N ASP A 744 0.17 29.17 -36.56
CA ASP A 744 0.67 28.21 -37.56
C ASP A 744 1.40 27.05 -36.89
N ALA A 745 2.15 27.34 -35.81
CA ALA A 745 2.89 26.30 -35.13
C ALA A 745 1.95 25.31 -34.45
N LYS A 746 0.85 25.79 -33.88
CA LYS A 746 -0.08 24.86 -33.25
C LYS A 746 -0.79 24.01 -34.30
N GLY A 747 -1.21 24.62 -35.41
CA GLY A 747 -1.77 23.84 -36.49
C GLY A 747 -0.82 22.74 -36.96
N ARG A 748 0.44 23.10 -37.19
CA ARG A 748 1.43 22.10 -37.57
C ARG A 748 1.61 21.05 -36.48
N GLU A 749 1.47 21.44 -35.21
CA GLU A 749 1.56 20.46 -34.13
C GLU A 749 0.43 19.44 -34.22
N VAL A 750 -0.80 19.91 -34.42
CA VAL A 750 -1.93 18.99 -34.58
C VAL A 750 -1.71 18.07 -35.77
N ASN A 751 -1.25 18.63 -36.90
CA ASN A 751 -1.06 17.79 -38.08
C ASN A 751 0.05 16.78 -37.87
N ASP A 752 1.09 17.15 -37.12
CA ASP A 752 2.22 16.25 -36.91
C ASP A 752 1.85 15.11 -35.95
N LEU A 753 1.12 15.42 -34.89
CA LEU A 753 0.72 14.34 -33.98
C LEU A 753 -0.41 13.50 -34.55
N LYS A 754 -1.21 14.05 -35.46
CA LYS A 754 -2.29 13.27 -36.07
C LYS A 754 -1.77 12.11 -36.89
N ARG A 755 -0.58 12.25 -37.48
CA ARG A 755 -0.01 11.23 -38.34
C ARG A 755 0.79 10.18 -37.58
N LYS A 756 0.94 10.33 -36.26
CA LYS A 756 1.67 9.36 -35.45
C LYS A 756 0.75 8.27 -34.93
N SER A 757 1.22 7.04 -34.97
CA SER A 757 0.49 5.94 -34.36
C SER A 757 0.64 5.99 -32.84
N PRO A 758 -0.30 5.40 -32.09
CA PRO A 758 -0.10 5.27 -30.64
C PRO A 758 1.17 4.52 -30.30
N SER A 759 1.54 3.52 -31.12
CA SER A 759 2.79 2.81 -30.88
CA SER A 759 2.80 2.81 -30.90
C SER A 759 3.99 3.75 -31.00
N ASP A 760 3.93 4.73 -31.90
CA ASP A 760 5.03 5.68 -32.01
C ASP A 760 5.11 6.56 -30.76
N LEU A 761 3.96 6.93 -30.19
CA LEU A 761 3.93 7.61 -28.90
C LEU A 761 4.61 6.77 -27.83
N TRP A 762 4.26 5.48 -27.78
CA TRP A 762 4.86 4.58 -26.79
C TRP A 762 6.36 4.50 -26.97
N LYS A 763 6.83 4.34 -28.22
CA LYS A 763 8.26 4.25 -28.49
C LYS A 763 8.98 5.53 -28.10
N GLU A 764 8.35 6.70 -28.34
CA GLU A 764 8.95 7.94 -27.86
C GLU A 764 9.14 7.92 -26.36
N ASP A 765 8.06 7.58 -25.62
CA ASP A 765 8.17 7.51 -24.17
C ASP A 765 9.28 6.56 -23.74
N LEU A 766 9.36 5.39 -24.37
CA LEU A 766 10.37 4.40 -23.99
C LEU A 766 11.78 4.93 -24.26
N ALA A 767 11.98 5.60 -25.40
CA ALA A 767 13.30 6.13 -25.72
C ALA A 767 13.74 7.16 -24.70
N ALA A 768 12.85 8.09 -24.35
CA ALA A 768 13.20 9.09 -23.34
C ALA A 768 13.51 8.42 -22.00
N PHE A 769 12.69 7.43 -21.61
CA PHE A 769 12.93 6.74 -20.36
C PHE A 769 14.29 6.04 -20.35
N VAL A 770 14.70 5.43 -21.47
CA VAL A 770 16.00 4.74 -21.42
C VAL A 770 17.15 5.74 -21.48
N GLU A 771 17.02 6.85 -22.22
CA GLU A 771 18.04 7.87 -22.15
C GLU A 771 18.29 8.29 -20.71
N GLU A 772 17.22 8.71 -20.01
CA GLU A 772 17.41 9.15 -18.63
C GLU A 772 17.84 8.01 -17.72
N LEU A 773 17.44 6.77 -18.04
CA LEU A 773 17.82 5.63 -17.21
C LEU A 773 19.32 5.34 -17.30
N ASP A 774 19.88 5.45 -18.51
CA ASP A 774 21.32 5.30 -18.67
C ASP A 774 22.06 6.45 -17.97
N LYS A 775 21.59 7.69 -18.17
CA LYS A 775 22.24 8.81 -17.51
C LYS A 775 22.24 8.62 -15.99
N VAL A 776 21.07 8.30 -15.43
CA VAL A 776 20.92 8.19 -13.98
C VAL A 776 21.76 7.05 -13.43
N GLU A 777 21.68 5.87 -14.05
CA GLU A 777 22.42 4.72 -13.53
C GLU A 777 23.93 4.88 -13.67
N SER A 778 24.39 5.54 -14.75
CA SER A 778 25.82 5.80 -14.86
C SER A 778 26.27 6.83 -13.83
N GLN A 779 25.43 7.82 -13.54
CA GLN A 779 25.73 8.74 -12.46
C GLN A 779 25.79 8.00 -11.12
N GLU A 780 24.91 7.02 -10.92
CA GLU A 780 24.94 6.23 -9.70
C GLU A 780 26.25 5.48 -9.56
N ARG A 781 26.68 4.78 -10.61
CA ARG A 781 27.94 4.06 -10.54
C ARG A 781 29.13 4.98 -10.37
N GLU A 782 29.09 6.17 -10.97
CA GLU A 782 30.19 7.12 -10.80
C GLU A 782 30.27 7.67 -9.38
N ASP A 783 29.11 7.82 -8.73
CA ASP A 783 29.06 8.39 -7.38
C ASP A 783 29.42 7.36 -6.30
#